data_9KN2
#
_entry.id   9KN2
#
_cell.length_a   121.190
_cell.length_b   121.190
_cell.length_c   199.018
_cell.angle_alpha   90.000
_cell.angle_beta   90.000
_cell.angle_gamma   90.000
#
_symmetry.space_group_name_H-M   'P 43 21 2'
#
loop_
_entity.id
_entity.type
_entity.pdbx_description
1 polymer 'Endopeptidase PepO'
2 non-polymer N-ALPHA-L-RHAMNOPYRANOSYLOXY(HYDROXYPHOSPHINYL)-L-LEUCYL-L-TRYPTOPHAN
3 non-polymer 'ZINC ION'
4 non-polymer 'SULFATE ION'
5 water water
#
_entity_poly.entity_id   1
_entity_poly.type   'polypeptide(L)'
_entity_poly.pdbx_seq_one_letter_code
;NKGQTNDTDRKREPVPAIDLSAMDTSVRPQDDFYRYCNGNWMKNNPLKPAYSRYGSFDILHDSTLERVHLIVDNLAAGQH
EVGTNEYRIATLYRQAMDSIKRNKDGAAPLKEDLQKIEAIADRAAMVKYAAAKDNMGGSTFFGSYVYADAKNSEMNIFHI
TQTGLALDNRDYYLKQDAKSQQIREAYVAYLNKIAKLAGYDDEAATRIAKNAMKMETELAQICYSKEELRDTHRNYNKMA
VKEFTNKYQGFDWTTYLADRQLTTLEEWDVEQLDFFKKFDSWFAKADLNEMRDYLLAGTISGAASYLSDDFEQARFDFFG
KTLSGTTEMHPRWKRSVGMVSSFLGEALGEVYVKQYFPPEAKERMLKLVKNLQTALGERINMLTWMGDSTKMKAQEKLNS
FIIKIGYPDKWKDYSKMEIKGDSYYADIKRASKWMHDDNMADLGKTVDRERWLMNPQDVNAYYNPTTNEICFPAAILQPP
FFNMDADDAVNYGGIGVVIGHEMTHGFDDQGRNFDKDGNMINWWTAEDAQKFETTARKLADQFSEIYVADGVRANGNMTL
GENIADQGGLLISYLAFRNAAKGEVMEEIDGFTPDQRFFIGYARLWGQNIRPEEVLRLTQIDVHSLGELRVNQALRNIEA
FYEAFNIQPTDKMYLEPEKRVVVW
;
_entity_poly.pdbx_strand_id   A
#
# COMPACT_ATOMS: atom_id res chain seq x y z
N PRO A 14 24.22 14.04 -19.84
CA PRO A 14 22.76 14.07 -20.02
C PRO A 14 22.11 12.69 -19.94
N VAL A 15 21.36 12.43 -18.88
CA VAL A 15 20.70 11.14 -18.70
C VAL A 15 19.66 10.95 -19.80
N PRO A 16 19.70 9.86 -20.56
CA PRO A 16 18.79 9.70 -21.69
C PRO A 16 17.33 9.75 -21.24
N ALA A 17 16.49 10.29 -22.10
CA ALA A 17 15.08 10.46 -21.75
C ALA A 17 14.35 9.14 -21.84
N ILE A 18 14.62 8.37 -22.90
CA ILE A 18 14.10 7.03 -23.09
C ILE A 18 15.29 6.10 -23.27
N ASP A 19 15.26 4.95 -22.58
CA ASP A 19 16.21 3.86 -22.87
C ASP A 19 15.74 3.16 -24.14
N LEU A 20 16.29 3.57 -25.29
CA LEU A 20 15.83 2.98 -26.55
C LEU A 20 16.10 1.48 -26.61
N SER A 21 17.12 1.02 -25.89
CA SER A 21 17.43 -0.39 -25.93
C SER A 21 16.39 -1.23 -25.23
N ALA A 22 15.56 -0.61 -24.37
CA ALA A 22 14.47 -1.35 -23.74
C ALA A 22 13.40 -1.75 -24.73
N MET A 23 13.32 -1.01 -25.83
CA MET A 23 12.22 -1.16 -26.77
C MET A 23 12.44 -2.38 -27.65
N ASP A 24 11.35 -3.00 -28.09
CA ASP A 24 11.42 -4.11 -29.04
C ASP A 24 10.72 -3.65 -30.31
N THR A 25 11.45 -2.99 -31.21
CA THR A 25 10.82 -2.50 -32.44
C THR A 25 10.47 -3.63 -33.43
N SER A 26 10.62 -4.92 -33.15
CA SER A 26 10.01 -5.94 -33.99
C SER A 26 8.54 -6.16 -33.65
N VAL A 27 8.05 -5.56 -32.57
CA VAL A 27 6.64 -5.62 -32.21
C VAL A 27 5.95 -4.40 -32.81
N ARG A 28 4.76 -4.58 -33.34
CA ARG A 28 4.06 -3.39 -33.82
C ARG A 28 3.43 -2.65 -32.62
N PRO A 29 3.69 -1.36 -32.45
CA PRO A 29 3.08 -0.62 -31.32
C PRO A 29 1.56 -0.68 -31.35
N GLN A 30 0.97 -0.91 -32.53
CA GLN A 30 -0.48 -1.00 -32.66
C GLN A 30 -1.03 -2.32 -32.16
N ASP A 31 -0.19 -3.34 -32.00
CA ASP A 31 -0.61 -4.66 -31.53
C ASP A 31 -0.27 -4.90 -30.06
N ASP A 32 0.92 -4.50 -29.63
CA ASP A 32 1.31 -4.77 -28.23
C ASP A 32 2.24 -3.62 -27.83
N PHE A 33 1.64 -2.51 -27.37
CA PHE A 33 2.44 -1.33 -27.06
C PHE A 33 3.37 -1.59 -25.87
N TYR A 34 2.90 -2.39 -24.90
CA TYR A 34 3.72 -2.73 -23.73
C TYR A 34 5.05 -3.34 -24.16
N ARG A 35 5.01 -4.34 -25.04
CA ARG A 35 6.24 -5.02 -25.44
C ARG A 35 7.01 -4.23 -26.49
N TYR A 36 6.32 -3.41 -27.30
CA TYR A 36 7.03 -2.45 -28.13
C TYR A 36 7.94 -1.55 -27.29
N CYS A 37 7.47 -1.08 -26.13
CA CYS A 37 8.26 -0.15 -25.33
C CYS A 37 9.17 -0.85 -24.32
N ASN A 38 8.90 -2.11 -23.96
CA ASN A 38 9.64 -2.76 -22.88
C ASN A 38 10.18 -4.14 -23.22
N GLY A 39 9.84 -4.71 -24.39
CA GLY A 39 10.06 -6.12 -24.61
C GLY A 39 11.52 -6.56 -24.67
N ASN A 40 12.42 -5.67 -25.08
CA ASN A 40 13.84 -6.02 -25.05
C ASN A 40 14.42 -5.86 -23.66
N TRP A 41 13.99 -4.84 -22.91
CA TRP A 41 14.34 -4.81 -21.49
C TRP A 41 13.88 -6.09 -20.82
N MET A 42 12.67 -6.56 -21.13
CA MET A 42 12.18 -7.75 -20.47
C MET A 42 13.00 -9.00 -20.85
N LYS A 43 13.39 -9.14 -22.13
CA LYS A 43 14.24 -10.27 -22.50
C LYS A 43 15.61 -10.21 -21.85
N ASN A 44 16.18 -9.02 -21.70
CA ASN A 44 17.53 -8.88 -21.18
C ASN A 44 17.62 -8.84 -19.66
N ASN A 45 16.49 -8.90 -18.94
CA ASN A 45 16.50 -8.79 -17.49
C ASN A 45 15.64 -9.89 -16.88
N PRO A 46 15.98 -11.16 -17.10
CA PRO A 46 15.22 -12.22 -16.44
C PRO A 46 15.29 -12.06 -14.93
N LEU A 47 14.23 -12.51 -14.26
CA LEU A 47 14.13 -12.33 -12.81
C LEU A 47 15.26 -13.04 -12.08
N LYS A 48 15.86 -12.37 -11.11
CA LYS A 48 16.78 -13.01 -10.19
C LYS A 48 16.01 -13.83 -9.15
N PRO A 49 16.65 -14.85 -8.54
CA PRO A 49 15.91 -15.76 -7.64
C PRO A 49 15.18 -15.08 -6.48
N ALA A 50 15.63 -13.93 -6.01
CA ALA A 50 14.96 -13.29 -4.89
C ALA A 50 13.78 -12.43 -5.29
N TYR A 51 13.54 -12.20 -6.59
CA TYR A 51 12.53 -11.25 -7.01
C TYR A 51 11.32 -11.99 -7.56
N SER A 52 10.15 -11.62 -7.06
CA SER A 52 8.91 -12.09 -7.67
C SER A 52 8.44 -11.20 -8.81
N ARG A 53 8.94 -9.96 -8.90
CA ARG A 53 8.65 -9.07 -10.01
C ARG A 53 9.73 -8.00 -10.02
N TYR A 54 10.06 -7.51 -11.20
CA TYR A 54 11.15 -6.55 -11.32
C TYR A 54 10.91 -5.70 -12.54
N GLY A 55 10.84 -4.39 -12.35
CA GLY A 55 10.65 -3.47 -13.46
C GLY A 55 11.20 -2.11 -13.08
N SER A 56 10.74 -1.08 -13.81
CA SER A 56 11.31 0.26 -13.68
C SER A 56 11.21 0.79 -12.25
N PHE A 57 10.07 0.57 -11.57
CA PHE A 57 9.97 1.04 -10.19
C PHE A 57 11.01 0.37 -9.30
N ASP A 58 11.21 -0.93 -9.47
CA ASP A 58 12.17 -1.67 -8.66
C ASP A 58 13.60 -1.24 -8.93
N ILE A 59 13.93 -0.92 -10.20
CA ILE A 59 15.25 -0.38 -10.51
C ILE A 59 15.53 0.85 -9.66
N LEU A 60 14.58 1.79 -9.64
CA LEU A 60 14.79 3.02 -8.90
C LEU A 60 14.70 2.78 -7.39
N HIS A 61 13.80 1.90 -6.96
CA HIS A 61 13.78 1.49 -5.56
C HIS A 61 15.13 0.95 -5.12
N ASP A 62 15.72 0.05 -5.91
CA ASP A 62 16.97 -0.58 -5.55
C ASP A 62 18.10 0.44 -5.51
N SER A 63 18.15 1.37 -6.47
CA SER A 63 19.22 2.34 -6.39
C SER A 63 19.02 3.31 -5.23
N THR A 64 17.76 3.63 -4.89
CA THR A 64 17.52 4.43 -3.68
C THR A 64 17.94 3.66 -2.44
N LEU A 65 17.60 2.38 -2.39
CA LEU A 65 17.96 1.55 -1.24
C LEU A 65 19.46 1.49 -1.05
N GLU A 66 20.22 1.44 -2.15
CA GLU A 66 21.68 1.43 -2.03
C GLU A 66 22.21 2.71 -1.44
N ARG A 67 21.56 3.84 -1.73
CA ARG A 67 21.93 5.11 -1.10
C ARG A 67 21.65 5.06 0.40
N VAL A 68 20.49 4.54 0.77
CA VAL A 68 20.18 4.40 2.19
C VAL A 68 21.12 3.38 2.84
N HIS A 69 21.50 2.33 2.12
CA HIS A 69 22.46 1.35 2.65
C HIS A 69 23.76 2.02 3.11
N LEU A 70 24.30 2.91 2.29
CA LEU A 70 25.50 3.67 2.68
C LEU A 70 25.26 4.51 3.92
N ILE A 71 24.10 5.18 4.00
CA ILE A 71 23.83 6.03 5.16
C ILE A 71 23.82 5.18 6.42
N VAL A 72 23.09 4.08 6.37
CA VAL A 72 22.95 3.23 7.54
C VAL A 72 24.28 2.56 7.90
N ASP A 73 25.00 2.06 6.91
CA ASP A 73 26.29 1.41 7.20
C ASP A 73 27.27 2.41 7.83
N ASN A 74 27.28 3.66 7.34
CA ASN A 74 28.10 4.69 7.96
C ASN A 74 27.72 4.92 9.43
N LEU A 75 26.41 4.99 9.73
CA LEU A 75 26.01 5.16 11.13
C LEU A 75 26.43 3.96 11.98
N ALA A 76 26.25 2.75 11.45
CA ALA A 76 26.56 1.54 12.21
C ALA A 76 28.04 1.38 12.49
N ALA A 77 28.90 2.06 11.74
CA ALA A 77 30.34 1.96 11.95
C ALA A 77 30.86 2.91 13.02
N GLY A 78 30.13 3.97 13.37
CA GLY A 78 30.61 4.99 14.28
C GLY A 78 30.15 4.75 15.70
N GLN A 79 30.45 5.72 16.56
CA GLN A 79 30.04 5.69 17.95
C GLN A 79 29.01 6.79 18.17
N HIS A 80 27.97 6.48 18.93
CA HIS A 80 26.90 7.45 19.15
C HIS A 80 26.44 7.38 20.61
N GLU A 81 25.91 8.49 21.10
CA GLU A 81 25.37 8.56 22.44
C GLU A 81 23.98 7.92 22.49
N VAL A 82 23.68 7.26 23.61
CA VAL A 82 22.37 6.68 23.84
C VAL A 82 21.31 7.76 23.65
N GLY A 83 20.19 7.42 23.03
CA GLY A 83 19.14 8.39 22.89
C GLY A 83 19.24 9.35 21.72
N THR A 84 20.19 9.15 20.82
CA THR A 84 20.16 9.89 19.57
C THR A 84 19.53 9.01 18.49
N ASN A 85 19.06 9.66 17.43
CA ASN A 85 18.51 8.89 16.31
C ASN A 85 19.60 8.06 15.64
N GLU A 86 20.84 8.57 15.60
CA GLU A 86 21.94 7.80 15.01
C GLU A 86 22.19 6.54 15.81
N TYR A 87 22.10 6.63 17.13
CA TYR A 87 22.18 5.44 17.99
C TYR A 87 21.02 4.49 17.75
N ARG A 88 19.80 5.01 17.65
CA ARG A 88 18.65 4.13 17.44
C ARG A 88 18.80 3.38 16.12
N ILE A 89 19.16 4.10 15.06
CA ILE A 89 19.28 3.46 13.75
C ILE A 89 20.39 2.42 13.76
N ALA A 90 21.58 2.80 14.26
CA ALA A 90 22.71 1.89 14.26
C ALA A 90 22.41 0.63 15.07
N THR A 91 21.72 0.79 16.20
CA THR A 91 21.50 -0.36 17.08
C THR A 91 20.46 -1.31 16.50
N LEU A 92 19.38 -0.78 15.94
CA LEU A 92 18.41 -1.66 15.29
C LEU A 92 19.05 -2.38 14.13
N TYR A 93 19.83 -1.65 13.33
CA TYR A 93 20.34 -2.24 12.11
C TYR A 93 21.39 -3.30 12.41
N ARG A 94 22.30 -3.00 13.35
CA ARG A 94 23.34 -3.99 13.68
C ARG A 94 22.72 -5.25 14.28
N GLN A 95 21.66 -5.09 15.06
CA GLN A 95 21.04 -6.29 15.66
C GLN A 95 20.36 -7.14 14.60
N ALA A 96 19.71 -6.49 13.63
CA ALA A 96 19.10 -7.24 12.53
C ALA A 96 20.18 -7.96 11.73
N MET A 97 21.33 -7.31 11.52
CA MET A 97 22.43 -7.87 10.74
C MET A 97 23.25 -8.93 11.52
N ASP A 98 23.03 -9.07 12.83
CA ASP A 98 23.88 -9.89 13.67
C ASP A 98 23.35 -11.32 13.68
N SER A 99 23.65 -12.05 12.59
CA SER A 99 23.12 -13.41 12.52
C SER A 99 23.73 -14.32 13.60
N ILE A 100 24.95 -14.07 14.04
CA ILE A 100 25.53 -14.89 15.11
C ILE A 100 24.67 -14.82 16.37
N LYS A 101 24.38 -13.60 16.85
CA LYS A 101 23.57 -13.47 18.07
C LYS A 101 22.15 -13.97 17.85
N ARG A 102 21.51 -13.59 16.73
CA ARG A 102 20.15 -14.06 16.48
C ARG A 102 20.11 -15.60 16.46
N ASN A 103 21.08 -16.25 15.83
CA ASN A 103 21.05 -17.72 15.81
C ASN A 103 21.40 -18.33 17.15
N LYS A 104 22.31 -17.69 17.90
CA LYS A 104 22.61 -18.17 19.25
C LYS A 104 21.37 -18.11 20.14
N ASP A 105 20.67 -16.98 20.14
CA ASP A 105 19.49 -16.78 20.98
C ASP A 105 18.36 -17.74 20.60
N GLY A 106 18.18 -17.99 19.29
CA GLY A 106 17.09 -18.89 18.90
C GLY A 106 15.73 -18.31 19.27
N ALA A 107 14.87 -19.14 19.85
CA ALA A 107 13.54 -18.74 20.30
C ALA A 107 13.52 -18.11 21.69
N ALA A 108 14.66 -18.03 22.38
CA ALA A 108 14.64 -17.51 23.76
C ALA A 108 13.96 -16.15 23.90
N PRO A 109 14.17 -15.15 23.02
CA PRO A 109 13.47 -13.86 23.22
C PRO A 109 11.96 -13.96 23.25
N LEU A 110 11.38 -15.07 22.76
CA LEU A 110 9.94 -15.27 22.65
C LEU A 110 9.33 -15.91 23.89
N LYS A 111 10.18 -16.43 24.77
CA LYS A 111 9.72 -17.35 25.80
C LYS A 111 8.67 -16.73 26.70
N GLU A 112 8.94 -15.54 27.23
CA GLU A 112 8.00 -14.93 28.18
C GLU A 112 6.67 -14.57 27.51
N ASP A 113 6.71 -14.11 26.26
CA ASP A 113 5.45 -13.82 25.55
C ASP A 113 4.59 -15.07 25.44
N LEU A 114 5.21 -16.22 25.13
CA LEU A 114 4.43 -17.46 24.99
C LEU A 114 3.89 -17.91 26.35
N GLN A 115 4.68 -17.77 27.41
CA GLN A 115 4.21 -18.16 28.74
C GLN A 115 3.00 -17.34 29.16
N LYS A 116 3.02 -16.05 28.85
CA LYS A 116 1.87 -15.18 29.13
C LYS A 116 0.60 -15.69 28.45
N ILE A 117 0.72 -16.20 27.22
CA ILE A 117 -0.48 -16.71 26.54
C ILE A 117 -0.93 -18.01 27.18
N GLU A 118 0.02 -18.91 27.45
CA GLU A 118 -0.30 -20.20 28.07
C GLU A 118 -0.96 -20.02 29.42
N ALA A 119 -0.64 -18.95 30.15
CA ALA A 119 -1.22 -18.67 31.45
C ALA A 119 -2.64 -18.11 31.40
N ILE A 120 -3.16 -17.74 30.24
CA ILE A 120 -4.53 -17.21 30.20
C ILE A 120 -5.49 -18.30 30.70
N ALA A 121 -6.17 -18.03 31.81
CA ALA A 121 -6.91 -19.11 32.46
C ALA A 121 -8.35 -19.26 31.97
N ASP A 122 -8.99 -18.17 31.54
CA ASP A 122 -10.40 -18.25 31.14
C ASP A 122 -10.74 -17.11 30.19
N ARG A 123 -12.00 -17.07 29.75
CA ARG A 123 -12.43 -16.10 28.75
C ARG A 123 -12.26 -14.66 29.23
N ALA A 124 -12.58 -14.41 30.51
CA ALA A 124 -12.35 -13.09 31.08
C ALA A 124 -10.89 -12.70 30.96
N ALA A 125 -9.99 -13.64 31.19
CA ALA A 125 -8.58 -13.31 31.11
C ALA A 125 -8.13 -13.10 29.66
N MET A 126 -8.83 -13.70 28.69
CA MET A 126 -8.57 -13.44 27.28
C MET A 126 -8.80 -11.98 26.94
N VAL A 127 -9.88 -11.40 27.46
CA VAL A 127 -10.22 -10.01 27.17
C VAL A 127 -9.14 -9.09 27.72
N LYS A 128 -8.70 -9.35 28.95
CA LYS A 128 -7.67 -8.51 29.53
C LYS A 128 -6.33 -8.71 28.85
N TYR A 129 -6.06 -9.93 28.36
CA TYR A 129 -4.84 -10.14 27.58
C TYR A 129 -4.87 -9.32 26.29
N ALA A 130 -6.00 -9.32 25.60
CA ALA A 130 -6.11 -8.54 24.38
C ALA A 130 -5.87 -7.06 24.66
N ALA A 131 -6.43 -6.54 25.76
CA ALA A 131 -6.18 -5.14 26.09
C ALA A 131 -4.71 -4.90 26.37
N ALA A 132 -4.06 -5.81 27.08
CA ALA A 132 -2.65 -5.62 27.42
C ALA A 132 -1.76 -5.65 26.18
N LYS A 133 -1.98 -6.61 25.28
CA LYS A 133 -1.15 -6.64 24.08
C LYS A 133 -1.49 -5.49 23.15
N ASP A 134 -2.77 -5.11 23.08
CA ASP A 134 -3.13 -3.99 22.21
C ASP A 134 -2.57 -2.67 22.75
N ASN A 135 -2.39 -2.57 24.07
CA ASN A 135 -1.71 -1.43 24.65
C ASN A 135 -0.22 -1.37 24.27
N MET A 136 0.31 -2.44 23.68
CA MET A 136 1.69 -2.48 23.19
C MET A 136 1.75 -2.24 21.69
N GLY A 137 0.60 -2.08 21.02
CA GLY A 137 0.55 -1.99 19.58
C GLY A 137 0.03 -3.23 18.88
N GLY A 138 -0.35 -4.26 19.62
CA GLY A 138 -0.86 -5.44 18.98
C GLY A 138 -2.27 -5.24 18.42
N SER A 139 -2.72 -6.28 17.71
CA SER A 139 -4.05 -6.37 17.14
C SER A 139 -4.56 -7.78 17.47
N THR A 140 -4.84 -8.02 18.76
CA THR A 140 -4.97 -9.40 19.24
C THR A 140 -6.08 -10.15 18.50
N PHE A 141 -7.29 -9.57 18.49
CA PHE A 141 -8.42 -10.14 17.78
C PHE A 141 -8.97 -9.22 16.72
N PHE A 142 -8.59 -7.95 16.74
CA PHE A 142 -9.11 -6.93 15.83
C PHE A 142 -8.15 -5.76 15.84
N GLY A 143 -8.35 -4.84 14.90
CA GLY A 143 -7.53 -3.66 14.81
C GLY A 143 -8.15 -2.47 15.50
N SER A 144 -7.30 -1.54 15.90
CA SER A 144 -7.80 -0.29 16.45
C SER A 144 -6.74 0.76 16.21
N TYR A 145 -7.17 2.01 16.03
CA TYR A 145 -6.26 3.06 15.60
C TYR A 145 -6.89 4.41 15.85
N VAL A 146 -6.06 5.44 15.99
CA VAL A 146 -6.53 6.82 16.11
C VAL A 146 -6.18 7.57 14.82
N TYR A 147 -7.18 8.24 14.25
CA TYR A 147 -6.94 9.14 13.11
C TYR A 147 -8.22 9.95 12.85
N ALA A 148 -8.16 10.81 11.83
CA ALA A 148 -9.23 11.77 11.58
C ALA A 148 -10.60 11.09 11.47
N ASP A 149 -11.60 11.72 12.07
CA ASP A 149 -13.00 11.40 11.82
C ASP A 149 -13.34 11.70 10.36
N ALA A 150 -13.84 10.70 9.62
CA ALA A 150 -14.12 10.91 8.20
C ALA A 150 -15.10 12.08 7.99
N LYS A 151 -15.98 12.35 8.96
CA LYS A 151 -16.96 13.43 8.86
C LYS A 151 -16.57 14.67 9.65
N ASN A 152 -15.38 14.69 10.28
CA ASN A 152 -14.83 15.90 10.90
C ASN A 152 -13.31 15.75 10.89
N SER A 153 -12.71 16.15 9.77
CA SER A 153 -11.33 15.82 9.45
C SER A 153 -10.33 16.59 10.29
N GLU A 154 -10.81 17.47 11.16
CA GLU A 154 -9.94 18.19 12.07
C GLU A 154 -9.83 17.54 13.43
N MET A 155 -10.61 16.51 13.69
CA MET A 155 -10.61 15.85 14.99
C MET A 155 -10.19 14.39 14.87
N ASN A 156 -9.22 14.00 15.71
CA ASN A 156 -8.80 12.61 15.84
C ASN A 156 -9.79 11.83 16.70
N ILE A 157 -10.26 10.69 16.19
CA ILE A 157 -11.11 9.79 16.94
C ILE A 157 -10.51 8.38 16.91
N PHE A 158 -11.15 7.49 17.67
CA PHE A 158 -10.76 6.10 17.84
C PHE A 158 -11.59 5.21 16.92
N HIS A 159 -10.93 4.29 16.20
CA HIS A 159 -11.58 3.42 15.24
C HIS A 159 -11.26 1.97 15.56
N ILE A 160 -12.20 1.07 15.28
CA ILE A 160 -11.91 -0.36 15.37
C ILE A 160 -12.26 -1.02 14.04
N THR A 161 -11.48 -2.03 13.67
CA THR A 161 -11.54 -2.65 12.36
C THR A 161 -11.46 -4.17 12.50
N GLN A 162 -11.94 -4.87 11.48
CA GLN A 162 -11.98 -6.33 11.52
C GLN A 162 -10.57 -6.93 11.64
N THR A 163 -10.53 -8.20 12.05
CA THR A 163 -9.29 -8.98 12.17
C THR A 163 -8.40 -8.84 10.93
N GLY A 164 -7.12 -8.53 11.17
CA GLY A 164 -6.14 -8.62 10.10
C GLY A 164 -5.79 -10.08 9.84
N LEU A 165 -5.94 -10.53 8.59
CA LEU A 165 -5.73 -11.92 8.23
C LEU A 165 -4.33 -12.12 7.67
N ALA A 166 -3.65 -13.20 8.08
CA ALA A 166 -2.29 -13.43 7.62
C ALA A 166 -2.23 -13.58 6.10
N LEU A 167 -3.27 -14.12 5.47
CA LEU A 167 -3.27 -14.26 4.01
C LEU A 167 -3.93 -13.07 3.31
N ASP A 168 -4.37 -12.07 4.08
CA ASP A 168 -4.88 -10.79 3.59
C ASP A 168 -6.33 -10.91 3.05
N ASN A 169 -6.53 -11.51 1.89
CA ASN A 169 -7.86 -11.67 1.30
C ASN A 169 -8.56 -12.84 1.97
N ARG A 170 -9.76 -12.62 2.55
CA ARG A 170 -10.49 -13.73 3.19
C ARG A 170 -10.72 -14.91 2.25
N ASP A 171 -10.73 -14.67 0.94
CA ASP A 171 -11.00 -15.78 0.01
C ASP A 171 -9.96 -16.91 0.12
N TYR A 172 -8.73 -16.62 0.54
CA TYR A 172 -7.74 -17.71 0.66
C TYR A 172 -8.20 -18.77 1.65
N TYR A 173 -8.94 -18.35 2.68
CA TYR A 173 -9.44 -19.24 3.72
C TYR A 173 -10.67 -20.02 3.31
N LEU A 174 -11.38 -19.59 2.27
CA LEU A 174 -12.75 -20.03 2.00
C LEU A 174 -12.96 -20.68 0.64
N LYS A 175 -12.20 -20.33 -0.39
CA LYS A 175 -12.39 -20.91 -1.72
C LYS A 175 -12.11 -22.41 -1.71
N GLN A 176 -12.91 -23.18 -2.44
CA GLN A 176 -12.95 -24.62 -2.30
C GLN A 176 -12.16 -25.38 -3.38
N ASP A 177 -11.46 -24.68 -4.25
CA ASP A 177 -10.76 -25.38 -5.33
C ASP A 177 -9.43 -25.99 -4.85
N ALA A 178 -8.83 -26.79 -5.74
CA ALA A 178 -7.60 -27.52 -5.39
C ALA A 178 -6.43 -26.58 -5.13
N LYS A 179 -6.27 -25.52 -5.93
CA LYS A 179 -5.11 -24.65 -5.71
C LYS A 179 -5.25 -23.85 -4.42
N SER A 180 -6.49 -23.49 -4.03
CA SER A 180 -6.68 -22.79 -2.78
C SER A 180 -6.40 -23.69 -1.60
N GLN A 181 -6.78 -24.97 -1.71
CA GLN A 181 -6.50 -25.89 -0.62
C GLN A 181 -5.00 -26.11 -0.46
N GLN A 182 -4.25 -26.13 -1.55
CA GLN A 182 -2.81 -26.30 -1.46
C GLN A 182 -2.15 -25.12 -0.75
N ILE A 183 -2.61 -23.91 -1.03
CA ILE A 183 -2.07 -22.75 -0.33
C ILE A 183 -2.37 -22.84 1.17
N ARG A 184 -3.61 -23.22 1.52
CA ARG A 184 -3.96 -23.36 2.94
C ARG A 184 -3.09 -24.42 3.62
N GLU A 185 -2.82 -25.53 2.92
CA GLU A 185 -2.00 -26.57 3.53
C GLU A 185 -0.57 -26.10 3.75
N ALA A 186 -0.02 -25.31 2.82
CA ALA A 186 1.30 -24.73 3.03
C ALA A 186 1.29 -23.73 4.19
N TYR A 187 0.20 -22.98 4.36
CA TYR A 187 0.14 -22.06 5.50
C TYR A 187 0.13 -22.82 6.82
N VAL A 188 -0.65 -23.90 6.91
CA VAL A 188 -0.67 -24.71 8.13
C VAL A 188 0.70 -25.33 8.38
N ALA A 189 1.38 -25.77 7.31
CA ALA A 189 2.72 -26.34 7.48
C ALA A 189 3.70 -25.28 8.01
N TYR A 190 3.51 -24.04 7.57
CA TYR A 190 4.32 -22.93 8.10
C TYR A 190 4.09 -22.75 9.60
N LEU A 191 2.82 -22.68 10.02
CA LEU A 191 2.54 -22.52 11.45
C LEU A 191 3.09 -23.69 12.26
N ASN A 192 2.96 -24.91 11.75
CA ASN A 192 3.53 -26.10 12.40
C ASN A 192 5.05 -25.97 12.54
N LYS A 193 5.74 -25.60 11.44
CA LYS A 193 7.19 -25.42 11.48
C LYS A 193 7.61 -24.45 12.57
N ILE A 194 6.98 -23.27 12.61
CA ILE A 194 7.47 -22.26 13.56
C ILE A 194 7.04 -22.61 14.97
N ALA A 195 5.90 -23.29 15.15
CA ALA A 195 5.57 -23.74 16.51
C ALA A 195 6.61 -24.75 17.00
N LYS A 196 7.08 -25.61 16.11
CA LYS A 196 8.15 -26.52 16.52
C LYS A 196 9.43 -25.75 16.82
N LEU A 197 9.77 -24.76 16.01
CA LEU A 197 10.98 -23.98 16.27
C LEU A 197 10.88 -23.19 17.58
N ALA A 198 9.66 -22.83 17.98
CA ALA A 198 9.48 -22.13 19.25
C ALA A 198 9.58 -23.05 20.46
N GLY A 199 9.68 -24.36 20.29
CA GLY A 199 9.86 -25.26 21.43
C GLY A 199 8.71 -26.21 21.71
N TYR A 200 7.62 -26.16 20.95
CA TYR A 200 6.55 -27.14 21.13
C TYR A 200 6.94 -28.49 20.52
N ASP A 201 6.47 -29.58 21.14
CA ASP A 201 6.80 -30.89 20.60
C ASP A 201 5.94 -31.16 19.37
N ASP A 202 6.18 -32.30 18.70
CA ASP A 202 5.54 -32.55 17.41
C ASP A 202 4.03 -32.51 17.52
N GLU A 203 3.48 -33.04 18.60
CA GLU A 203 2.04 -33.12 18.74
C GLU A 203 1.45 -31.73 19.00
N ALA A 204 2.07 -30.97 19.91
CA ALA A 204 1.57 -29.63 20.22
C ALA A 204 1.71 -28.70 19.01
N ALA A 205 2.81 -28.80 18.27
CA ALA A 205 2.98 -27.91 17.12
C ALA A 205 1.90 -28.12 16.07
N THR A 206 1.51 -29.39 15.83
CA THR A 206 0.46 -29.66 14.85
C THR A 206 -0.90 -29.23 15.40
N ARG A 207 -1.13 -29.47 16.68
CA ARG A 207 -2.35 -28.98 17.33
C ARG A 207 -2.49 -27.46 17.20
N ILE A 208 -1.42 -26.72 17.48
CA ILE A 208 -1.46 -25.27 17.43
C ILE A 208 -1.72 -24.79 16.01
N ALA A 209 -1.03 -25.40 15.05
CA ALA A 209 -1.18 -24.98 13.66
C ALA A 209 -2.60 -25.19 13.17
N LYS A 210 -3.19 -26.36 13.46
CA LYS A 210 -4.55 -26.63 13.00
C LYS A 210 -5.60 -25.80 13.76
N ASN A 211 -5.44 -25.61 15.06
CA ASN A 211 -6.39 -24.77 15.80
C ASN A 211 -6.30 -23.32 15.35
N ALA A 212 -5.08 -22.81 15.14
CA ALA A 212 -4.92 -21.42 14.72
C ALA A 212 -5.60 -21.20 13.38
N MET A 213 -5.38 -22.12 12.44
CA MET A 213 -6.00 -21.99 11.13
C MET A 213 -7.52 -22.10 11.22
N LYS A 214 -8.02 -22.93 12.13
CA LYS A 214 -9.47 -23.05 12.28
C LYS A 214 -10.05 -21.75 12.81
N MET A 215 -9.44 -21.18 13.85
CA MET A 215 -9.87 -19.88 14.36
C MET A 215 -9.78 -18.80 13.30
N GLU A 216 -8.64 -18.73 12.60
CA GLU A 216 -8.49 -17.64 11.64
C GLU A 216 -9.46 -17.77 10.48
N THR A 217 -9.77 -19.01 10.08
CA THR A 217 -10.75 -19.24 9.02
C THR A 217 -12.14 -18.80 9.47
N GLU A 218 -12.49 -19.03 10.73
CA GLU A 218 -13.77 -18.56 11.24
C GLU A 218 -13.83 -17.03 11.25
N LEU A 219 -12.73 -16.38 11.63
CA LEU A 219 -12.70 -14.93 11.59
C LEU A 219 -12.78 -14.42 10.15
N ALA A 220 -12.07 -15.07 9.22
CA ALA A 220 -12.14 -14.67 7.82
C ALA A 220 -13.59 -14.75 7.30
N GLN A 221 -14.31 -15.79 7.71
CA GLN A 221 -15.69 -15.95 7.25
C GLN A 221 -16.54 -14.71 7.60
N ILE A 222 -16.35 -14.12 8.78
CA ILE A 222 -17.16 -12.97 9.17
C ILE A 222 -16.52 -11.62 8.80
N CYS A 223 -15.30 -11.63 8.27
CA CYS A 223 -14.70 -10.42 7.70
C CYS A 223 -15.39 -10.00 6.42
N TYR A 224 -15.32 -8.70 6.15
CA TYR A 224 -15.73 -8.16 4.86
C TYR A 224 -14.74 -8.58 3.78
N SER A 225 -15.24 -8.78 2.57
CA SER A 225 -14.36 -9.00 1.43
C SER A 225 -13.49 -7.77 1.15
N LYS A 226 -12.41 -7.99 0.39
CA LYS A 226 -11.50 -6.91 0.01
C LYS A 226 -12.23 -5.81 -0.76
N GLU A 227 -13.13 -6.21 -1.66
CA GLU A 227 -13.88 -5.22 -2.42
C GLU A 227 -14.84 -4.45 -1.52
N GLU A 228 -15.51 -5.14 -0.60
CA GLU A 228 -16.43 -4.48 0.30
C GLU A 228 -15.72 -3.49 1.23
N LEU A 229 -14.46 -3.75 1.56
CA LEU A 229 -13.70 -2.83 2.42
C LEU A 229 -13.46 -1.49 1.74
N ARG A 230 -13.52 -1.44 0.41
CA ARG A 230 -13.36 -0.19 -0.35
C ARG A 230 -14.59 0.72 -0.35
N ASP A 231 -15.77 0.23 0.04
CA ASP A 231 -17.00 1.03 0.03
C ASP A 231 -16.95 2.05 1.14
N THR A 232 -16.87 3.34 0.78
CA THR A 232 -16.57 4.36 1.79
C THR A 232 -17.64 4.43 2.87
N HIS A 233 -18.91 4.57 2.47
CA HIS A 233 -19.96 4.81 3.48
C HIS A 233 -20.20 3.57 4.33
N ARG A 234 -20.14 2.40 3.73
CA ARG A 234 -20.32 1.14 4.46
C ARG A 234 -19.32 1.00 5.61
N ASN A 235 -18.09 1.49 5.46
CA ASN A 235 -17.04 1.23 6.43
C ASN A 235 -16.81 2.40 7.38
N TYR A 236 -17.84 3.23 7.57
CA TYR A 236 -17.85 4.30 8.55
C TYR A 236 -19.13 4.16 9.38
N ASN A 237 -18.98 4.04 10.68
CA ASN A 237 -20.16 3.88 11.57
C ASN A 237 -19.75 4.50 12.90
N LYS A 238 -19.87 5.82 12.99
CA LYS A 238 -19.58 6.51 14.24
C LYS A 238 -20.81 6.47 15.13
N MET A 239 -20.59 6.17 16.42
CA MET A 239 -21.70 6.03 17.36
C MET A 239 -21.16 6.16 18.76
N ALA A 240 -22.08 6.35 19.72
CA ALA A 240 -21.71 6.28 21.12
C ALA A 240 -21.18 4.89 21.43
N VAL A 241 -20.08 4.82 22.20
CA VAL A 241 -19.53 3.52 22.60
C VAL A 241 -20.57 2.69 23.32
N LYS A 242 -21.25 3.27 24.31
CA LYS A 242 -22.23 2.54 25.12
C LYS A 242 -23.35 1.95 24.26
N GLU A 243 -23.72 2.63 23.18
CA GLU A 243 -24.74 2.09 22.29
C GLU A 243 -24.36 0.71 21.77
N PHE A 244 -23.10 0.54 21.37
CA PHE A 244 -22.67 -0.80 20.95
C PHE A 244 -22.41 -1.71 22.14
N THR A 245 -21.65 -1.23 23.13
CA THR A 245 -21.15 -2.15 24.15
C THR A 245 -22.26 -2.61 25.11
N ASN A 246 -23.34 -1.81 25.27
CA ASN A 246 -24.49 -2.25 26.05
C ASN A 246 -25.14 -3.47 25.43
N LYS A 247 -25.25 -3.48 24.10
CA LYS A 247 -25.96 -4.55 23.42
C LYS A 247 -25.10 -5.77 23.14
N TYR A 248 -23.82 -5.59 22.79
CA TYR A 248 -22.96 -6.70 22.36
C TYR A 248 -21.94 -6.99 23.46
N GLN A 249 -22.27 -7.94 24.33
CA GLN A 249 -21.47 -8.20 25.52
C GLN A 249 -20.80 -9.57 25.47
N GLY A 250 -20.89 -10.28 24.35
CA GLY A 250 -20.17 -11.54 24.21
C GLY A 250 -18.68 -11.35 24.40
N PHE A 251 -18.12 -10.30 23.81
CA PHE A 251 -16.79 -9.81 24.12
C PHE A 251 -16.95 -8.66 25.11
N ASP A 252 -16.21 -8.71 26.22
CA ASP A 252 -16.44 -7.76 27.32
C ASP A 252 -15.74 -6.43 26.98
N TRP A 253 -16.39 -5.67 26.09
CA TRP A 253 -15.83 -4.40 25.64
C TRP A 253 -15.57 -3.43 26.78
N THR A 254 -16.43 -3.41 27.81
CA THR A 254 -16.22 -2.44 28.88
C THR A 254 -14.93 -2.72 29.63
N THR A 255 -14.63 -3.99 29.90
CA THR A 255 -13.37 -4.31 30.55
C THR A 255 -12.18 -4.04 29.62
N TYR A 256 -12.31 -4.41 28.33
CA TYR A 256 -11.25 -4.14 27.36
C TYR A 256 -10.91 -2.65 27.33
N LEU A 257 -11.93 -1.82 27.15
CA LEU A 257 -11.71 -0.38 27.03
C LEU A 257 -11.16 0.21 28.31
N ALA A 258 -11.62 -0.29 29.46
CA ALA A 258 -11.08 0.18 30.73
C ALA A 258 -9.59 -0.13 30.83
N ASP A 259 -9.20 -1.36 30.46
CA ASP A 259 -7.78 -1.68 30.52
C ASP A 259 -6.95 -0.97 29.46
N ARG A 260 -7.56 -0.48 28.38
CA ARG A 260 -6.84 0.40 27.45
C ARG A 260 -6.85 1.85 27.89
N GLN A 261 -7.32 2.14 29.11
CA GLN A 261 -7.41 3.52 29.62
C GLN A 261 -8.37 4.38 28.80
N LEU A 262 -9.45 3.78 28.31
CA LEU A 262 -10.42 4.46 27.43
C LEU A 262 -11.83 4.52 28.04
N THR A 263 -11.93 4.48 29.37
CA THR A 263 -13.26 4.51 30.01
C THR A 263 -14.02 5.79 29.68
N THR A 264 -13.31 6.91 29.54
CA THR A 264 -13.95 8.20 29.28
C THR A 264 -14.22 8.44 27.81
N LEU A 265 -13.96 7.46 26.94
CA LEU A 265 -14.23 7.60 25.51
C LEU A 265 -15.74 7.48 25.26
N GLU A 266 -16.34 8.54 24.72
CA GLU A 266 -17.80 8.53 24.52
C GLU A 266 -18.21 7.97 23.17
N GLU A 267 -17.43 8.23 22.11
CA GLU A 267 -17.78 7.79 20.77
C GLU A 267 -16.62 7.06 20.10
N TRP A 268 -16.95 6.28 19.06
CA TRP A 268 -15.93 5.61 18.27
C TRP A 268 -16.50 5.31 16.91
N ASP A 269 -15.61 4.94 15.99
CA ASP A 269 -15.93 4.57 14.62
C ASP A 269 -15.76 3.06 14.52
N VAL A 270 -16.86 2.34 14.42
CA VAL A 270 -16.84 0.89 14.21
C VAL A 270 -16.83 0.68 12.70
N GLU A 271 -15.65 0.49 12.12
CA GLU A 271 -15.56 0.53 10.65
C GLU A 271 -16.29 -0.64 10.02
N GLN A 272 -15.98 -1.87 10.43
CA GLN A 272 -16.70 -3.04 9.89
C GLN A 272 -17.73 -3.47 10.93
N LEU A 273 -18.86 -2.76 10.94
CA LEU A 273 -19.87 -2.96 11.98
C LEU A 273 -20.40 -4.38 12.00
N ASP A 274 -20.71 -4.96 10.83
CA ASP A 274 -21.24 -6.31 10.80
C ASP A 274 -20.21 -7.35 11.19
N PHE A 275 -18.92 -7.08 10.99
CA PHE A 275 -17.93 -7.98 11.57
C PHE A 275 -18.03 -7.98 13.09
N PHE A 276 -18.16 -6.79 13.69
CA PHE A 276 -18.15 -6.75 15.16
C PHE A 276 -19.43 -7.30 15.77
N LYS A 277 -20.55 -7.25 15.05
CA LYS A 277 -21.76 -7.92 15.53
C LYS A 277 -21.59 -9.43 15.50
N LYS A 278 -21.01 -9.97 14.42
CA LYS A 278 -20.77 -11.41 14.38
C LYS A 278 -19.66 -11.82 15.34
N PHE A 279 -18.66 -10.96 15.53
CA PHE A 279 -17.57 -11.26 16.45
C PHE A 279 -18.10 -11.43 17.88
N ASP A 280 -19.15 -10.68 18.24
CA ASP A 280 -19.78 -10.83 19.55
C ASP A 280 -20.12 -12.30 19.84
N SER A 281 -20.77 -12.97 18.89
CA SER A 281 -21.16 -14.36 19.10
C SER A 281 -19.96 -15.31 18.94
N TRP A 282 -19.06 -15.04 18.00
CA TRP A 282 -17.90 -15.91 17.82
C TRP A 282 -17.06 -15.98 19.09
N PHE A 283 -16.79 -14.81 19.69
CA PHE A 283 -15.93 -14.76 20.86
C PHE A 283 -16.59 -15.39 22.08
N ALA A 284 -17.89 -15.18 22.25
CA ALA A 284 -18.57 -15.73 23.41
C ALA A 284 -18.55 -17.25 23.41
N LYS A 285 -18.57 -17.86 22.21
CA LYS A 285 -18.76 -19.30 22.06
C LYS A 285 -17.48 -20.06 21.73
N ALA A 286 -16.39 -19.39 21.38
CA ALA A 286 -15.20 -20.08 20.88
C ALA A 286 -14.52 -20.88 21.99
N ASP A 287 -14.04 -22.08 21.62
CA ASP A 287 -13.30 -22.91 22.57
C ASP A 287 -12.05 -22.18 23.04
N LEU A 288 -11.87 -22.15 24.36
CA LEU A 288 -10.75 -21.42 24.95
C LEU A 288 -9.39 -21.94 24.47
N ASN A 289 -9.22 -23.27 24.41
CA ASN A 289 -7.91 -23.82 24.03
C ASN A 289 -7.61 -23.51 22.58
N GLU A 290 -8.64 -23.50 21.73
CA GLU A 290 -8.46 -23.17 20.32
C GLU A 290 -8.07 -21.70 20.17
N MET A 291 -8.73 -20.80 20.91
CA MET A 291 -8.35 -19.38 20.90
C MET A 291 -6.93 -19.18 21.39
N ARG A 292 -6.53 -19.89 22.45
CA ARG A 292 -5.17 -19.74 22.97
C ARG A 292 -4.15 -20.13 21.91
N ASP A 293 -4.43 -21.20 21.16
CA ASP A 293 -3.53 -21.66 20.11
C ASP A 293 -3.47 -20.64 18.97
N TYR A 294 -4.60 -20.02 18.64
CA TYR A 294 -4.61 -18.91 17.68
C TYR A 294 -3.66 -17.81 18.13
N LEU A 295 -3.72 -17.43 19.41
CA LEU A 295 -2.84 -16.38 19.92
C LEU A 295 -1.37 -16.82 19.87
N LEU A 296 -1.09 -18.08 20.19
CA LEU A 296 0.29 -18.56 20.14
C LEU A 296 0.85 -18.49 18.73
N ALA A 297 0.10 -19.01 17.75
CA ALA A 297 0.58 -18.98 16.38
C ALA A 297 0.80 -17.55 15.90
N GLY A 298 -0.11 -16.63 16.25
CA GLY A 298 0.03 -15.25 15.83
C GLY A 298 1.26 -14.59 16.44
N THR A 299 1.52 -14.88 17.72
CA THR A 299 2.71 -14.33 18.35
C THR A 299 3.99 -14.91 17.73
N ILE A 300 4.02 -16.21 17.48
CA ILE A 300 5.22 -16.77 16.87
C ILE A 300 5.41 -16.23 15.45
N SER A 301 4.34 -16.20 14.66
CA SER A 301 4.45 -15.71 13.28
C SER A 301 4.92 -14.25 13.25
N GLY A 302 4.35 -13.42 14.12
CA GLY A 302 4.74 -12.02 14.23
C GLY A 302 6.15 -11.83 14.74
N ALA A 303 6.75 -12.85 15.34
CA ALA A 303 8.14 -12.75 15.77
C ALA A 303 9.12 -13.40 14.79
N ALA A 304 8.63 -14.07 13.75
CA ALA A 304 9.49 -14.95 12.93
C ALA A 304 10.48 -14.20 12.05
N SER A 305 10.29 -12.89 11.82
CA SER A 305 11.29 -12.11 11.11
C SER A 305 12.38 -11.56 12.03
N TYR A 306 12.31 -11.83 13.34
CA TYR A 306 13.16 -11.14 14.30
C TYR A 306 13.96 -12.11 15.16
N LEU A 307 14.02 -13.40 14.82
CA LEU A 307 14.70 -14.35 15.69
C LEU A 307 15.85 -14.99 14.92
N SER A 308 15.97 -16.33 15.02
CA SER A 308 17.02 -17.09 14.34
C SER A 308 16.61 -17.33 12.88
N ASP A 309 17.62 -17.77 12.09
CA ASP A 309 17.44 -17.98 10.64
C ASP A 309 16.33 -18.97 10.33
N ASP A 310 16.21 -20.02 11.14
CA ASP A 310 15.20 -21.04 10.86
C ASP A 310 13.79 -20.45 10.83
N PHE A 311 13.46 -19.53 11.75
CA PHE A 311 12.15 -18.86 11.70
C PHE A 311 12.00 -18.06 10.42
N GLU A 312 13.02 -17.27 10.08
CA GLU A 312 12.85 -16.37 8.94
C GLU A 312 12.75 -17.16 7.66
N GLN A 313 13.41 -18.31 7.61
CA GLN A 313 13.37 -19.12 6.41
C GLN A 313 12.05 -19.88 6.29
N ALA A 314 11.46 -20.30 7.41
CA ALA A 314 10.13 -20.89 7.37
C ALA A 314 9.12 -19.89 6.82
N ARG A 315 9.21 -18.64 7.30
CA ARG A 315 8.35 -17.58 6.80
C ARG A 315 8.56 -17.37 5.30
N PHE A 316 9.82 -17.28 4.86
CA PHE A 316 10.09 -17.15 3.43
C PHE A 316 9.52 -18.33 2.62
N ASP A 317 9.65 -19.56 3.14
CA ASP A 317 9.16 -20.73 2.38
C ASP A 317 7.69 -20.57 2.02
N PHE A 318 6.91 -19.96 2.91
CA PHE A 318 5.51 -19.76 2.62
C PHE A 318 5.26 -18.46 1.86
N PHE A 319 5.59 -17.31 2.47
CA PHE A 319 5.19 -16.02 1.87
C PHE A 319 5.99 -15.72 0.61
N GLY A 320 7.23 -16.20 0.53
CA GLY A 320 8.04 -16.01 -0.66
C GLY A 320 7.86 -17.11 -1.68
N LYS A 321 8.38 -18.31 -1.38
CA LYS A 321 8.39 -19.39 -2.36
C LYS A 321 6.98 -19.83 -2.74
N THR A 322 6.13 -20.16 -1.75
CA THR A 322 4.81 -20.69 -2.09
C THR A 322 3.91 -19.60 -2.71
N LEU A 323 3.79 -18.43 -2.04
CA LEU A 323 2.85 -17.42 -2.51
C LEU A 323 3.36 -16.60 -3.69
N SER A 324 4.67 -16.39 -3.82
CA SER A 324 5.25 -15.49 -4.82
C SER A 324 6.14 -16.14 -5.84
N GLY A 325 6.58 -17.38 -5.62
CA GLY A 325 7.40 -18.06 -6.60
C GLY A 325 8.89 -17.80 -6.48
N THR A 326 9.32 -17.00 -5.50
CA THR A 326 10.75 -16.72 -5.37
C THR A 326 11.46 -17.97 -4.82
N THR A 327 12.78 -18.05 -5.05
CA THR A 327 13.51 -19.18 -4.51
C THR A 327 14.59 -18.77 -3.52
N GLU A 328 14.85 -17.47 -3.34
CA GLU A 328 15.84 -16.96 -2.42
C GLU A 328 15.29 -15.78 -1.70
N MET A 329 15.76 -15.57 -0.46
CA MET A 329 15.48 -14.34 0.24
C MET A 329 16.37 -13.24 -0.32
N HIS A 330 15.89 -12.00 -0.22
CA HIS A 330 16.74 -10.84 -0.47
C HIS A 330 17.91 -10.84 0.52
N PRO A 331 19.03 -10.18 0.20
CA PRO A 331 20.14 -10.13 1.15
C PRO A 331 19.71 -9.49 2.47
N ARG A 332 20.34 -9.94 3.55
CA ARG A 332 19.96 -9.48 4.89
C ARG A 332 19.97 -7.96 5.03
N TRP A 333 20.91 -7.28 4.35
CA TRP A 333 20.99 -5.82 4.51
C TRP A 333 19.73 -5.15 3.98
N LYS A 334 19.12 -5.69 2.93
CA LYS A 334 17.90 -5.09 2.40
C LYS A 334 16.74 -5.23 3.37
N ARG A 335 16.57 -6.43 3.93
CA ARG A 335 15.56 -6.62 4.98
C ARG A 335 15.82 -5.71 6.18
N SER A 336 17.09 -5.54 6.56
CA SER A 336 17.43 -4.74 7.73
C SER A 336 17.22 -3.25 7.47
N VAL A 337 17.64 -2.77 6.32
CA VAL A 337 17.36 -1.37 5.99
C VAL A 337 15.86 -1.13 5.94
N GLY A 338 15.11 -2.08 5.36
CA GLY A 338 13.65 -1.94 5.33
C GLY A 338 13.04 -1.83 6.71
N MET A 339 13.51 -2.66 7.65
CA MET A 339 13.03 -2.60 9.02
C MET A 339 13.34 -1.25 9.65
N VAL A 340 14.57 -0.74 9.47
CA VAL A 340 14.91 0.52 10.11
C VAL A 340 14.07 1.65 9.53
N SER A 341 13.81 1.56 8.23
CA SER A 341 13.07 2.61 7.54
C SER A 341 11.62 2.63 7.99
N SER A 342 11.08 1.49 8.44
CA SER A 342 9.71 1.49 8.90
C SER A 342 9.55 2.06 10.31
N PHE A 343 10.62 2.15 11.11
CA PHE A 343 10.49 2.73 12.45
C PHE A 343 11.09 4.11 12.56
N LEU A 344 12.14 4.39 11.79
CA LEU A 344 12.88 5.63 11.89
C LEU A 344 12.99 6.28 10.53
N GLY A 345 11.96 6.11 9.70
CA GLY A 345 12.08 6.50 8.30
C GLY A 345 12.35 7.98 8.07
N GLU A 346 11.82 8.86 8.92
CA GLU A 346 12.06 10.28 8.68
C GLU A 346 13.45 10.71 9.11
N ALA A 347 14.05 10.03 10.08
CA ALA A 347 15.44 10.32 10.42
C ALA A 347 16.34 9.95 9.26
N LEU A 348 16.08 8.81 8.63
CA LEU A 348 16.83 8.47 7.42
C LEU A 348 16.49 9.43 6.29
N GLY A 349 15.20 9.80 6.17
CA GLY A 349 14.81 10.67 5.10
C GLY A 349 15.50 12.02 5.16
N GLU A 350 15.69 12.55 6.38
CA GLU A 350 16.37 13.83 6.49
C GLU A 350 17.79 13.76 5.91
N VAL A 351 18.54 12.72 6.26
CA VAL A 351 19.89 12.56 5.70
C VAL A 351 19.83 12.40 4.19
N TYR A 352 18.88 11.57 3.72
CA TYR A 352 18.78 11.30 2.31
C TYR A 352 18.58 12.58 1.50
N VAL A 353 17.68 13.46 1.95
CA VAL A 353 17.42 14.64 1.10
C VAL A 353 18.58 15.61 1.17
N LYS A 354 19.17 15.81 2.35
CA LYS A 354 20.37 16.64 2.46
C LYS A 354 21.42 16.22 1.45
N GLN A 355 21.61 14.92 1.26
CA GLN A 355 22.67 14.44 0.38
C GLN A 355 22.27 14.35 -1.07
N TYR A 356 21.02 14.06 -1.40
CA TYR A 356 20.68 13.71 -2.78
C TYR A 356 19.60 14.56 -3.43
N PHE A 357 18.86 15.39 -2.69
CA PHE A 357 17.72 16.06 -3.32
C PHE A 357 18.07 17.51 -3.65
N PRO A 358 18.24 17.86 -4.92
CA PRO A 358 18.55 19.26 -5.27
C PRO A 358 17.33 20.16 -5.14
N PRO A 359 17.53 21.40 -4.67
CA PRO A 359 16.37 22.33 -4.57
C PRO A 359 15.70 22.64 -5.90
N GLU A 360 16.46 22.73 -6.99
CA GLU A 360 15.87 22.96 -8.31
C GLU A 360 14.79 21.94 -8.63
N ALA A 361 14.94 20.72 -8.10
CA ALA A 361 13.94 19.69 -8.38
C ALA A 361 12.62 20.05 -7.70
N LYS A 362 12.68 20.56 -6.47
CA LYS A 362 11.45 20.92 -5.77
C LYS A 362 10.69 22.01 -6.49
N GLU A 363 11.40 23.04 -6.99
CA GLU A 363 10.72 24.16 -7.64
C GLU A 363 10.21 23.80 -9.02
N ARG A 364 11.01 23.07 -9.82
CA ARG A 364 10.51 22.57 -11.10
C ARG A 364 9.28 21.69 -10.91
N MET A 365 9.28 20.84 -9.87
CA MET A 365 8.15 19.96 -9.59
C MET A 365 6.90 20.75 -9.22
N LEU A 366 7.04 21.79 -8.40
CA LEU A 366 5.87 22.60 -8.05
C LEU A 366 5.24 23.23 -9.30
N LYS A 367 6.05 23.81 -10.19
CA LYS A 367 5.51 24.32 -11.45
C LYS A 367 4.79 23.24 -12.23
N LEU A 368 5.36 22.04 -12.27
CA LEU A 368 4.73 20.94 -12.98
C LEU A 368 3.39 20.57 -12.35
N VAL A 369 3.34 20.46 -11.02
CA VAL A 369 2.08 20.09 -10.37
C VAL A 369 1.02 21.15 -10.64
N LYS A 370 1.39 22.42 -10.61
CA LYS A 370 0.42 23.48 -10.86
C LYS A 370 -0.08 23.43 -12.31
N ASN A 371 0.80 23.07 -13.26
CA ASN A 371 0.35 22.88 -14.64
C ASN A 371 -0.66 21.74 -14.75
N LEU A 372 -0.42 20.63 -14.03
CA LEU A 372 -1.37 19.52 -14.07
C LEU A 372 -2.70 19.92 -13.43
N GLN A 373 -2.64 20.66 -12.32
CA GLN A 373 -3.86 21.12 -11.66
C GLN A 373 -4.71 21.97 -12.60
N THR A 374 -4.07 22.87 -13.36
CA THR A 374 -4.78 23.68 -14.35
C THR A 374 -5.39 22.83 -15.44
N ALA A 375 -4.64 21.83 -15.94
CA ALA A 375 -5.20 20.94 -16.95
C ALA A 375 -6.39 20.18 -16.41
N LEU A 376 -6.32 19.68 -15.17
CA LEU A 376 -7.47 18.97 -14.62
C LEU A 376 -8.68 19.91 -14.50
N GLY A 377 -8.44 21.16 -14.11
CA GLY A 377 -9.54 22.14 -14.14
C GLY A 377 -10.22 22.22 -15.50
N GLU A 378 -9.43 22.22 -16.57
CA GLU A 378 -10.00 22.22 -17.92
C GLU A 378 -10.77 20.95 -18.22
N ARG A 379 -10.21 19.77 -17.90
CA ARG A 379 -10.95 18.53 -18.16
C ARG A 379 -12.29 18.54 -17.46
N ILE A 380 -12.32 19.01 -16.21
CA ILE A 380 -13.58 19.06 -15.51
C ILE A 380 -14.53 20.05 -16.20
N ASN A 381 -14.01 21.21 -16.63
CA ASN A 381 -14.83 22.20 -17.32
C ASN A 381 -15.40 21.65 -18.62
N MET A 382 -14.66 20.75 -19.31
CA MET A 382 -15.11 20.17 -20.57
C MET A 382 -15.96 18.92 -20.42
N LEU A 383 -16.23 18.45 -19.20
CA LEU A 383 -17.16 17.34 -19.05
C LEU A 383 -18.55 17.76 -19.49
N THR A 384 -19.26 16.85 -20.15
CA THR A 384 -20.64 17.10 -20.49
C THR A 384 -21.59 16.13 -19.84
N TRP A 385 -21.11 15.04 -19.22
CA TRP A 385 -22.04 14.11 -18.62
C TRP A 385 -22.53 14.58 -17.25
N MET A 386 -21.84 15.55 -16.65
CA MET A 386 -22.12 16.05 -15.32
C MET A 386 -22.83 17.40 -15.41
N GLY A 387 -23.85 17.61 -14.57
CA GLY A 387 -24.50 18.91 -14.49
C GLY A 387 -23.59 19.99 -13.92
N ASP A 388 -23.97 21.26 -14.15
CA ASP A 388 -23.15 22.39 -13.76
C ASP A 388 -22.96 22.51 -12.26
N SER A 389 -23.96 22.11 -11.47
CA SER A 389 -23.88 22.30 -10.03
C SER A 389 -22.82 21.37 -9.41
N THR A 390 -22.81 20.09 -9.80
CA THR A 390 -21.75 19.20 -9.33
C THR A 390 -20.40 19.59 -9.92
N LYS A 391 -20.38 20.05 -11.17
CA LYS A 391 -19.13 20.52 -11.78
C LYS A 391 -18.52 21.63 -10.93
N MET A 392 -19.35 22.54 -10.43
CA MET A 392 -18.82 23.61 -9.60
C MET A 392 -18.21 23.07 -8.30
N LYS A 393 -18.85 22.07 -7.68
CA LYS A 393 -18.28 21.48 -6.47
C LYS A 393 -16.98 20.73 -6.78
N ALA A 394 -16.91 20.08 -7.95
CA ALA A 394 -15.67 19.41 -8.36
C ALA A 394 -14.52 20.41 -8.49
N GLN A 395 -14.76 21.56 -9.14
CA GLN A 395 -13.74 22.59 -9.24
C GLN A 395 -13.29 23.08 -7.87
N GLU A 396 -14.24 23.30 -6.98
CA GLU A 396 -13.92 23.73 -5.62
C GLU A 396 -12.96 22.76 -4.93
N LYS A 397 -13.20 21.46 -5.09
CA LYS A 397 -12.30 20.48 -4.50
C LYS A 397 -10.92 20.53 -5.15
N LEU A 398 -10.89 20.50 -6.49
CA LEU A 398 -9.64 20.51 -7.23
C LEU A 398 -8.79 21.73 -6.89
N ASN A 399 -9.43 22.88 -6.72
CA ASN A 399 -8.67 24.09 -6.43
C ASN A 399 -8.10 24.10 -5.00
N SER A 400 -8.45 23.14 -4.17
CA SER A 400 -7.98 23.18 -2.79
C SER A 400 -7.04 22.04 -2.44
N PHE A 401 -6.46 21.34 -3.43
CA PHE A 401 -5.40 20.36 -3.17
C PHE A 401 -4.31 20.98 -2.30
N ILE A 402 -3.90 20.27 -1.25
CA ILE A 402 -2.62 20.53 -0.55
C ILE A 402 -1.52 19.76 -1.29
N ILE A 403 -0.47 20.46 -1.69
CA ILE A 403 0.62 19.90 -2.47
C ILE A 403 1.84 19.74 -1.56
N LYS A 404 2.37 18.51 -1.49
CA LYS A 404 3.55 18.20 -0.67
C LYS A 404 4.63 17.59 -1.56
N ILE A 405 5.81 18.20 -1.59
CA ILE A 405 6.85 17.79 -2.52
C ILE A 405 8.18 17.59 -1.79
N GLY A 406 8.86 16.48 -2.08
CA GLY A 406 10.22 16.28 -1.60
C GLY A 406 10.30 15.75 -0.20
N TYR A 407 9.95 16.56 0.80
CA TYR A 407 10.14 16.17 2.20
C TYR A 407 9.24 17.05 3.05
N PRO A 408 8.89 16.60 4.26
CA PRO A 408 8.11 17.45 5.16
C PRO A 408 8.89 18.67 5.63
N ASP A 409 8.16 19.72 5.98
CA ASP A 409 8.78 20.95 6.45
C ASP A 409 9.26 20.85 7.90
N LYS A 410 8.70 19.92 8.68
CA LYS A 410 9.12 19.60 10.04
C LYS A 410 9.39 18.10 10.14
N TRP A 411 10.44 17.71 10.87
CA TRP A 411 10.78 16.29 10.97
C TRP A 411 10.22 15.66 12.26
N LYS A 412 9.91 14.37 12.18
CA LYS A 412 9.33 13.65 13.31
C LYS A 412 10.29 13.61 14.49
N ASP A 413 9.73 13.73 15.69
CA ASP A 413 10.49 13.69 16.94
C ASP A 413 10.43 12.27 17.50
N TYR A 414 11.58 11.55 17.47
CA TYR A 414 11.66 10.18 17.96
C TYR A 414 12.20 10.06 19.39
N SER A 415 12.28 11.16 20.14
CA SER A 415 13.08 11.16 21.36
C SER A 415 12.52 10.26 22.45
N LYS A 416 11.25 9.86 22.41
CA LYS A 416 10.83 8.96 23.48
C LYS A 416 11.04 7.48 23.14
N MET A 417 11.60 7.16 21.98
CA MET A 417 11.74 5.76 21.60
C MET A 417 12.98 5.19 22.29
N GLU A 418 12.78 4.12 23.04
CA GLU A 418 13.84 3.47 23.80
C GLU A 418 14.37 2.28 23.01
N ILE A 419 15.64 2.33 22.66
CA ILE A 419 16.31 1.26 21.96
C ILE A 419 17.49 0.88 22.84
N LYS A 420 17.51 -0.36 23.33
CA LYS A 420 18.50 -0.76 24.33
C LYS A 420 19.61 -1.66 23.80
N GLY A 421 19.35 -2.44 22.74
CA GLY A 421 20.35 -3.36 22.24
C GLY A 421 20.50 -4.66 23.01
N ASP A 422 19.48 -5.07 23.79
CA ASP A 422 19.53 -6.37 24.45
C ASP A 422 19.18 -7.51 23.49
N SER A 423 18.13 -7.38 22.68
CA SER A 423 17.89 -8.31 21.58
C SER A 423 17.12 -7.60 20.48
N TYR A 424 17.29 -8.08 19.24
CA TYR A 424 16.58 -7.54 18.09
C TYR A 424 15.08 -7.50 18.34
N TYR A 425 14.52 -8.63 18.77
CA TYR A 425 13.07 -8.72 18.96
C TYR A 425 12.60 -7.79 20.08
N ALA A 426 13.37 -7.70 21.17
CA ALA A 426 12.95 -6.82 22.26
C ALA A 426 12.92 -5.37 21.81
N ASP A 427 13.90 -4.95 21.01
CA ASP A 427 13.91 -3.57 20.52
C ASP A 427 12.83 -3.33 19.45
N ILE A 428 12.54 -4.33 18.62
CA ILE A 428 11.38 -4.24 17.71
C ILE A 428 10.11 -3.93 18.51
N LYS A 429 9.93 -4.62 19.63
CA LYS A 429 8.74 -4.38 20.44
C LYS A 429 8.75 -2.98 21.06
N ARG A 430 9.92 -2.50 21.49
CA ARG A 430 10.00 -1.13 22.01
C ARG A 430 9.69 -0.10 20.93
N ALA A 431 10.23 -0.31 19.73
CA ALA A 431 9.95 0.61 18.64
C ALA A 431 8.46 0.60 18.30
N SER A 432 7.83 -0.58 18.32
CA SER A 432 6.40 -0.66 18.04
C SER A 432 5.58 -0.01 19.15
N LYS A 433 6.00 -0.19 20.40
CA LYS A 433 5.32 0.47 21.50
C LYS A 433 5.38 1.97 21.37
N TRP A 434 6.56 2.51 21.02
CA TRP A 434 6.65 3.94 20.77
C TRP A 434 5.67 4.39 19.71
N MET A 435 5.61 3.70 18.57
CA MET A 435 4.70 4.11 17.51
C MET A 435 3.26 4.07 18.00
N HIS A 436 2.92 3.03 18.76
CA HIS A 436 1.55 2.91 19.28
C HIS A 436 1.21 4.05 20.24
N ASP A 437 2.10 4.33 21.20
CA ASP A 437 1.85 5.42 22.14
C ASP A 437 1.75 6.76 21.40
N ASP A 438 2.58 6.96 20.39
CA ASP A 438 2.52 8.17 19.59
C ASP A 438 1.18 8.30 18.88
N ASN A 439 0.60 7.19 18.46
CA ASN A 439 -0.71 7.24 17.82
C ASN A 439 -1.80 7.54 18.85
N MET A 440 -1.81 6.83 19.98
CA MET A 440 -2.83 7.07 20.99
C MET A 440 -2.77 8.50 21.53
N ALA A 441 -1.58 9.10 21.56
CA ALA A 441 -1.49 10.48 22.02
C ALA A 441 -2.29 11.45 21.14
N ASP A 442 -2.60 11.09 19.89
CA ASP A 442 -3.37 12.01 19.05
C ASP A 442 -4.84 12.09 19.44
N LEU A 443 -5.34 11.15 20.25
CA LEU A 443 -6.77 11.01 20.48
C LEU A 443 -7.38 12.28 21.08
N GLY A 444 -8.48 12.74 20.49
CA GLY A 444 -9.14 13.95 20.91
C GLY A 444 -8.41 15.23 20.59
N LYS A 445 -7.26 15.17 19.89
CA LYS A 445 -6.51 16.38 19.53
C LYS A 445 -6.75 16.74 18.08
N THR A 446 -6.43 18.00 17.74
CA THR A 446 -6.59 18.47 16.37
C THR A 446 -5.72 17.65 15.42
N VAL A 447 -6.26 17.31 14.26
CA VAL A 447 -5.51 16.50 13.30
C VAL A 447 -4.32 17.28 12.77
N ASP A 448 -3.14 16.65 12.75
CA ASP A 448 -1.97 17.26 12.14
C ASP A 448 -2.03 17.00 10.63
N ARG A 449 -2.43 18.03 9.86
CA ARG A 449 -2.63 17.87 8.43
C ARG A 449 -1.33 17.93 7.62
N GLU A 450 -0.23 18.38 8.24
CA GLU A 450 1.05 18.49 7.55
C GLU A 450 1.81 17.18 7.51
N ARG A 451 1.47 16.24 8.38
CA ARG A 451 2.14 14.94 8.49
C ARG A 451 2.27 14.26 7.14
N TRP A 452 3.42 13.63 6.90
CA TRP A 452 3.64 12.81 5.71
C TRP A 452 3.30 11.36 6.02
N LEU A 453 2.60 10.70 5.09
CA LEU A 453 2.30 9.27 5.22
C LEU A 453 3.31 8.40 4.48
N MET A 454 4.28 9.01 3.81
CA MET A 454 5.42 8.31 3.22
C MET A 454 6.67 9.08 3.63
N ASN A 455 7.83 8.47 3.39
CA ASN A 455 9.11 9.08 3.67
C ASN A 455 9.73 9.63 2.40
N PRO A 456 10.68 10.58 2.52
CA PRO A 456 11.28 11.18 1.32
C PRO A 456 11.93 10.16 0.41
N GLN A 457 12.43 9.04 0.96
CA GLN A 457 13.16 8.05 0.20
C GLN A 457 12.26 6.97 -0.39
N ASP A 458 10.94 7.08 -0.26
CA ASP A 458 10.01 6.11 -0.86
C ASP A 458 9.80 6.41 -2.34
N VAL A 459 9.97 5.39 -3.18
CA VAL A 459 9.75 5.53 -4.64
C VAL A 459 8.27 5.25 -4.87
N ASN A 460 7.44 6.25 -4.58
CA ASN A 460 5.98 6.13 -4.67
C ASN A 460 5.41 7.55 -4.52
N ALA A 461 4.09 7.67 -4.52
CA ALA A 461 3.39 8.95 -4.36
C ALA A 461 1.99 8.63 -3.83
N TYR A 462 1.28 9.62 -3.28
CA TYR A 462 -0.03 9.25 -2.78
C TYR A 462 -0.98 10.44 -2.77
N TYR A 463 -2.26 10.09 -2.60
CA TYR A 463 -3.37 11.01 -2.37
C TYR A 463 -3.99 10.61 -1.05
N ASN A 464 -4.37 11.59 -0.23
CA ASN A 464 -5.03 11.27 1.02
C ASN A 464 -6.37 12.01 1.07
N PRO A 465 -7.50 11.30 1.12
CA PRO A 465 -8.81 11.99 1.03
C PRO A 465 -9.14 12.85 2.24
N THR A 466 -8.70 12.48 3.45
CA THR A 466 -9.09 13.25 4.64
C THR A 466 -8.33 14.55 4.79
N THR A 467 -7.31 14.80 3.95
CA THR A 467 -6.67 16.10 3.90
C THR A 467 -6.72 16.69 2.51
N ASN A 468 -7.21 15.95 1.53
CA ASN A 468 -7.20 16.35 0.13
C ASN A 468 -5.79 16.77 -0.30
N GLU A 469 -4.81 15.93 0.04
CA GLU A 469 -3.41 16.24 -0.24
C GLU A 469 -2.85 15.29 -1.28
N ILE A 470 -1.91 15.79 -2.09
CA ILE A 470 -1.14 14.97 -2.99
C ILE A 470 0.32 15.12 -2.59
N CYS A 471 1.05 14.00 -2.60
CA CYS A 471 2.39 13.99 -2.00
C CYS A 471 3.36 13.24 -2.90
N PHE A 472 4.51 13.86 -3.16
CA PHE A 472 5.52 13.37 -4.10
C PHE A 472 6.88 13.34 -3.39
N PRO A 473 7.23 12.21 -2.79
CA PRO A 473 8.54 12.08 -2.12
C PRO A 473 9.70 12.34 -3.08
N ALA A 474 10.80 12.84 -2.51
CA ALA A 474 12.00 13.13 -3.31
C ALA A 474 12.43 11.96 -4.18
N ALA A 475 12.33 10.73 -3.66
CA ALA A 475 12.90 9.59 -4.37
C ALA A 475 12.21 9.32 -5.70
N ILE A 476 10.93 9.66 -5.83
CA ILE A 476 10.28 9.43 -7.12
C ILE A 476 10.60 10.51 -8.13
N LEU A 477 11.27 11.58 -7.72
CA LEU A 477 11.56 12.68 -8.63
C LEU A 477 12.92 12.46 -9.30
N GLN A 478 13.05 11.32 -9.98
CA GLN A 478 14.29 10.90 -10.62
C GLN A 478 13.91 10.16 -11.89
N PRO A 479 14.84 10.01 -12.83
CA PRO A 479 14.51 9.26 -14.05
C PRO A 479 14.18 7.82 -13.72
N PRO A 480 13.27 7.19 -14.48
CA PRO A 480 12.62 7.70 -15.68
C PRO A 480 11.32 8.50 -15.42
N PHE A 481 11.02 8.85 -14.17
CA PHE A 481 9.81 9.64 -13.90
C PHE A 481 10.05 11.11 -14.21
N PHE A 482 11.07 11.68 -13.57
CA PHE A 482 11.37 13.11 -13.66
C PHE A 482 12.85 13.24 -14.01
N ASN A 483 13.12 13.76 -15.18
CA ASN A 483 14.47 13.82 -15.72
C ASN A 483 14.71 15.24 -16.20
N MET A 484 15.47 16.01 -15.44
CA MET A 484 15.63 17.42 -15.75
C MET A 484 16.32 17.65 -17.09
N ASP A 485 16.89 16.62 -17.72
CA ASP A 485 17.45 16.72 -19.06
C ASP A 485 16.51 16.25 -20.16
N ALA A 486 15.38 15.64 -19.81
CA ALA A 486 14.56 15.05 -20.85
C ALA A 486 13.74 16.12 -21.56
N ASP A 487 13.23 15.77 -22.74
CA ASP A 487 12.22 16.60 -23.40
C ASP A 487 10.90 16.54 -22.62
N ASP A 488 10.12 17.62 -22.73
CA ASP A 488 8.90 17.76 -21.93
C ASP A 488 7.98 16.56 -22.08
N ALA A 489 7.83 16.09 -23.32
CA ALA A 489 6.89 15.02 -23.61
C ALA A 489 7.12 13.83 -22.69
N VAL A 490 8.39 13.50 -22.44
CA VAL A 490 8.71 12.32 -21.65
C VAL A 490 8.48 12.59 -20.16
N ASN A 491 8.85 13.77 -19.68
CA ASN A 491 8.54 14.06 -18.27
C ASN A 491 7.03 14.10 -18.02
N TYR A 492 6.24 14.59 -19.00
CA TYR A 492 4.78 14.56 -18.84
C TYR A 492 4.26 13.13 -18.89
N GLY A 493 4.84 12.29 -19.77
CA GLY A 493 4.45 10.90 -19.82
C GLY A 493 4.80 10.12 -18.56
N GLY A 494 5.80 10.57 -17.79
CA GLY A 494 6.30 9.91 -16.61
C GLY A 494 5.75 10.55 -15.36
N ILE A 495 6.48 11.46 -14.71
CA ILE A 495 6.01 12.04 -13.47
C ILE A 495 4.69 12.82 -13.67
N GLY A 496 4.46 13.34 -14.86
CA GLY A 496 3.22 14.08 -15.10
C GLY A 496 1.99 13.18 -14.96
N VAL A 497 2.06 11.98 -15.53
CA VAL A 497 0.98 11.01 -15.36
C VAL A 497 0.85 10.59 -13.90
N VAL A 498 1.98 10.44 -13.19
CA VAL A 498 1.92 10.12 -11.76
C VAL A 498 1.17 11.22 -11.00
N ILE A 499 1.52 12.48 -11.26
CA ILE A 499 0.85 13.60 -10.60
C ILE A 499 -0.65 13.54 -10.88
N GLY A 500 -1.02 13.41 -12.16
CA GLY A 500 -2.44 13.41 -12.49
C GLY A 500 -3.16 12.20 -11.93
N HIS A 501 -2.44 11.08 -11.81
CA HIS A 501 -2.99 9.90 -11.15
C HIS A 501 -3.36 10.19 -9.70
N GLU A 502 -2.43 10.78 -8.94
CA GLU A 502 -2.77 11.09 -7.55
C GLU A 502 -3.92 12.10 -7.47
N MET A 503 -3.91 13.11 -8.34
CA MET A 503 -5.01 14.08 -8.38
C MET A 503 -6.36 13.40 -8.64
N THR A 504 -6.39 12.46 -9.57
CA THR A 504 -7.65 11.79 -9.92
C THR A 504 -8.18 10.94 -8.78
N HIS A 505 -7.30 10.48 -7.88
CA HIS A 505 -7.81 9.81 -6.68
C HIS A 505 -8.75 10.67 -5.88
N GLY A 506 -8.61 11.99 -5.95
CA GLY A 506 -9.62 12.83 -5.33
C GLY A 506 -11.00 12.66 -5.94
N PHE A 507 -11.09 12.02 -7.09
CA PHE A 507 -12.35 11.95 -7.84
C PHE A 507 -12.68 10.52 -8.25
N ASP A 508 -12.08 9.50 -7.61
CA ASP A 508 -12.39 8.13 -7.99
C ASP A 508 -13.55 7.62 -7.15
N ASP A 509 -13.80 6.31 -7.16
CA ASP A 509 -15.02 5.80 -6.53
C ASP A 509 -15.02 5.97 -5.01
N GLN A 510 -13.85 6.12 -4.40
CA GLN A 510 -13.76 6.46 -2.97
C GLN A 510 -13.60 7.95 -2.72
N GLY A 511 -12.66 8.59 -3.42
CA GLY A 511 -12.31 9.97 -3.10
C GLY A 511 -13.41 10.97 -3.43
N ARG A 512 -14.26 10.66 -4.41
CA ARG A 512 -15.37 11.56 -4.74
C ARG A 512 -16.32 11.79 -3.58
N ASN A 513 -16.26 10.94 -2.56
CA ASN A 513 -17.08 11.08 -1.36
C ASN A 513 -16.58 12.14 -0.39
N PHE A 514 -15.36 12.65 -0.58
CA PHE A 514 -14.73 13.57 0.36
C PHE A 514 -14.67 14.95 -0.28
N ASP A 515 -14.88 15.99 0.51
CA ASP A 515 -14.98 17.35 -0.03
C ASP A 515 -13.63 18.05 0.05
N LYS A 516 -13.62 19.36 -0.19
CA LYS A 516 -12.37 20.11 -0.26
C LYS A 516 -11.62 20.13 1.06
N ASP A 517 -12.32 19.92 2.19
CA ASP A 517 -11.74 19.94 3.51
C ASP A 517 -11.39 18.54 4.02
N GLY A 518 -11.62 17.51 3.24
CA GLY A 518 -11.35 16.15 3.70
C GLY A 518 -12.50 15.50 4.44
N ASN A 519 -13.68 16.10 4.43
CA ASN A 519 -14.84 15.56 5.12
C ASN A 519 -15.66 14.72 4.16
N MET A 520 -16.18 13.61 4.67
CA MET A 520 -17.05 12.73 3.90
C MET A 520 -18.44 13.37 3.89
N ILE A 521 -18.64 14.31 2.97
CA ILE A 521 -19.87 15.08 2.83
C ILE A 521 -20.26 15.03 1.37
N ASN A 522 -21.53 14.71 1.08
CA ASN A 522 -21.95 14.54 -0.31
C ASN A 522 -21.92 15.89 -1.03
N TRP A 523 -21.19 15.98 -2.14
CA TRP A 523 -21.30 17.18 -2.98
C TRP A 523 -21.88 16.85 -4.35
N TRP A 524 -22.50 15.69 -4.50
CA TRP A 524 -23.01 15.21 -5.79
C TRP A 524 -24.53 15.25 -5.77
N THR A 525 -25.13 15.66 -6.88
CA THR A 525 -26.54 15.31 -7.07
C THR A 525 -26.66 13.81 -7.29
N ALA A 526 -27.82 13.25 -6.90
CA ALA A 526 -28.07 11.82 -7.12
C ALA A 526 -27.92 11.44 -8.57
N GLU A 527 -28.35 12.30 -9.49
CA GLU A 527 -28.32 11.97 -10.90
C GLU A 527 -26.88 11.91 -11.42
N ASP A 528 -26.04 12.85 -10.99
CA ASP A 528 -24.65 12.82 -11.40
C ASP A 528 -23.90 11.65 -10.78
N ALA A 529 -24.19 11.33 -9.52
CA ALA A 529 -23.58 10.15 -8.89
C ALA A 529 -23.97 8.87 -9.62
N GLN A 530 -25.24 8.73 -9.99
CA GLN A 530 -25.64 7.53 -10.72
C GLN A 530 -24.93 7.44 -12.06
N LYS A 531 -24.75 8.57 -12.73
CA LYS A 531 -24.02 8.55 -14.00
C LYS A 531 -22.56 8.15 -13.79
N PHE A 532 -21.90 8.75 -12.80
CA PHE A 532 -20.55 8.31 -12.45
C PHE A 532 -20.52 6.80 -12.23
N GLU A 533 -21.47 6.29 -11.45
CA GLU A 533 -21.40 4.88 -11.05
C GLU A 533 -21.62 3.95 -12.23
N THR A 534 -22.49 4.33 -13.16
CA THR A 534 -22.69 3.56 -14.38
C THR A 534 -21.42 3.53 -15.23
N THR A 535 -20.80 4.69 -15.39
CA THR A 535 -19.58 4.75 -16.18
C THR A 535 -18.43 4.00 -15.50
N ALA A 536 -18.30 4.14 -14.18
CA ALA A 536 -17.27 3.41 -13.45
C ALA A 536 -17.48 1.89 -13.56
N ARG A 537 -18.72 1.44 -13.49
CA ARG A 537 -18.99 0.01 -13.63
C ARG A 537 -18.61 -0.50 -15.01
N LYS A 538 -18.77 0.33 -16.04
CA LYS A 538 -18.33 -0.04 -17.38
C LYS A 538 -16.81 -0.21 -17.42
N LEU A 539 -16.05 0.67 -16.74
CA LEU A 539 -14.60 0.50 -16.70
C LEU A 539 -14.22 -0.76 -15.89
N ALA A 540 -14.95 -1.06 -14.82
CA ALA A 540 -14.71 -2.26 -14.06
C ALA A 540 -14.95 -3.51 -14.90
N ASP A 541 -16.10 -3.58 -15.56
CA ASP A 541 -16.38 -4.73 -16.42
C ASP A 541 -15.41 -4.81 -17.60
N GLN A 542 -14.97 -3.66 -18.10
CA GLN A 542 -14.01 -3.68 -19.20
C GLN A 542 -12.72 -4.40 -18.81
N PHE A 543 -12.17 -4.08 -17.64
CA PHE A 543 -10.94 -4.75 -17.21
C PHE A 543 -11.19 -6.22 -16.88
N SER A 544 -12.36 -6.54 -16.31
CA SER A 544 -12.65 -7.92 -15.92
C SER A 544 -12.83 -8.87 -17.10
N GLU A 545 -12.97 -8.34 -18.32
CA GLU A 545 -12.90 -9.12 -19.54
C GLU A 545 -11.49 -9.63 -19.84
N ILE A 546 -10.45 -9.01 -19.26
CA ILE A 546 -9.06 -9.29 -19.62
C ILE A 546 -8.55 -10.43 -18.76
N TYR A 547 -7.77 -11.32 -19.37
CA TYR A 547 -7.18 -12.45 -18.66
C TYR A 547 -5.76 -12.08 -18.24
N VAL A 548 -5.45 -12.23 -16.96
CA VAL A 548 -4.08 -11.96 -16.52
C VAL A 548 -3.24 -13.23 -16.59
N ALA A 549 -3.88 -14.40 -16.55
CA ALA A 549 -3.27 -15.69 -16.83
C ALA A 549 -4.40 -16.61 -17.30
N ASP A 550 -4.02 -17.81 -17.78
CA ASP A 550 -5.00 -18.77 -18.28
C ASP A 550 -6.04 -19.09 -17.22
N GLY A 551 -7.30 -18.78 -17.53
CA GLY A 551 -8.37 -19.03 -16.60
C GLY A 551 -8.52 -18.03 -15.48
N VAL A 552 -7.74 -16.95 -15.47
CA VAL A 552 -7.77 -15.97 -14.39
C VAL A 552 -8.04 -14.61 -14.99
N ARG A 553 -9.16 -14.02 -14.61
CA ARG A 553 -9.54 -12.68 -15.05
C ARG A 553 -8.89 -11.62 -14.17
N ALA A 554 -8.57 -10.47 -14.77
CA ALA A 554 -8.30 -9.29 -13.96
C ALA A 554 -9.51 -8.98 -13.08
N ASN A 555 -9.26 -8.48 -11.87
CA ASN A 555 -10.38 -8.08 -11.01
C ASN A 555 -10.63 -6.59 -11.27
N GLY A 556 -11.51 -6.31 -12.24
CA GLY A 556 -11.81 -4.93 -12.58
C GLY A 556 -12.47 -4.17 -11.44
N ASN A 557 -13.16 -4.88 -10.54
CA ASN A 557 -13.83 -4.22 -9.42
C ASN A 557 -12.83 -3.73 -8.38
N MET A 558 -11.96 -4.62 -7.91
CA MET A 558 -10.95 -4.23 -6.93
C MET A 558 -9.98 -3.19 -7.45
N THR A 559 -9.66 -3.21 -8.74
CA THR A 559 -8.69 -2.27 -9.28
C THR A 559 -9.33 -1.02 -9.86
N LEU A 560 -10.64 -0.85 -9.68
CA LEU A 560 -11.38 0.21 -10.34
C LEU A 560 -10.82 1.60 -9.98
N GLY A 561 -10.57 1.84 -8.70
CA GLY A 561 -10.03 3.14 -8.31
C GLY A 561 -8.70 3.47 -8.98
N GLU A 562 -7.80 2.49 -9.04
CA GLU A 562 -6.51 2.73 -9.67
C GLU A 562 -6.63 2.85 -11.19
N ASN A 563 -7.56 2.10 -11.81
CA ASN A 563 -7.72 2.26 -13.25
C ASN A 563 -8.34 3.62 -13.59
N ILE A 564 -9.25 4.12 -12.76
CA ILE A 564 -9.77 5.48 -12.98
C ILE A 564 -8.63 6.49 -12.86
N ALA A 565 -7.78 6.33 -11.84
CA ALA A 565 -6.67 7.25 -11.63
C ALA A 565 -5.65 7.19 -12.76
N ASP A 566 -5.32 5.98 -13.25
CA ASP A 566 -4.40 5.89 -14.40
C ASP A 566 -4.96 6.62 -15.61
N GLN A 567 -6.22 6.37 -15.91
CA GLN A 567 -6.82 7.02 -17.07
C GLN A 567 -6.84 8.53 -16.88
N GLY A 568 -7.22 8.99 -15.68
CA GLY A 568 -7.18 10.42 -15.42
C GLY A 568 -5.78 10.99 -15.53
N GLY A 569 -4.79 10.30 -14.97
CA GLY A 569 -3.43 10.79 -15.12
C GLY A 569 -3.04 10.93 -16.58
N LEU A 570 -3.36 9.94 -17.40
CA LEU A 570 -3.03 10.02 -18.82
C LEU A 570 -3.69 11.23 -19.48
N LEU A 571 -4.99 11.41 -19.26
CA LEU A 571 -5.72 12.50 -19.93
C LEU A 571 -5.28 13.87 -19.42
N ILE A 572 -5.15 14.03 -18.10
CA ILE A 572 -4.72 15.32 -17.54
C ILE A 572 -3.32 15.66 -18.02
N SER A 573 -2.41 14.69 -17.94
CA SER A 573 -1.02 15.00 -18.26
C SER A 573 -0.86 15.24 -19.75
N TYR A 574 -1.58 14.49 -20.59
CA TYR A 574 -1.50 14.74 -22.03
C TYR A 574 -1.97 16.16 -22.36
N LEU A 575 -3.05 16.60 -21.71
CA LEU A 575 -3.53 17.98 -21.91
C LEU A 575 -2.51 18.99 -21.42
N ALA A 576 -1.91 18.78 -20.24
CA ALA A 576 -0.90 19.71 -19.76
C ALA A 576 0.31 19.73 -20.70
N PHE A 577 0.64 18.59 -21.29
CA PHE A 577 1.75 18.51 -22.22
C PHE A 577 1.44 19.32 -23.49
N ARG A 578 0.25 19.14 -24.05
CA ARG A 578 -0.14 19.96 -25.20
C ARG A 578 -0.15 21.44 -24.85
N ASN A 579 -0.70 21.81 -23.68
CA ASN A 579 -0.65 23.19 -23.23
C ASN A 579 0.77 23.73 -23.22
N ALA A 580 1.71 22.96 -22.68
CA ALA A 580 3.09 23.44 -22.60
C ALA A 580 3.73 23.56 -23.98
N ALA A 581 3.25 22.78 -24.96
CA ALA A 581 3.81 22.80 -26.30
C ALA A 581 3.18 23.86 -27.19
N LYS A 582 2.22 24.63 -26.66
CA LYS A 582 1.60 25.69 -27.46
C LYS A 582 2.67 26.72 -27.83
N GLY A 583 2.70 27.09 -29.10
CA GLY A 583 3.73 28.00 -29.58
C GLY A 583 5.09 27.36 -29.82
N GLU A 584 5.12 26.07 -30.15
CA GLU A 584 6.35 25.40 -30.55
C GLU A 584 6.04 24.48 -31.71
N VAL A 585 7.06 24.21 -32.51
CA VAL A 585 6.97 23.23 -33.60
C VAL A 585 7.47 21.88 -33.08
N MET A 586 6.75 20.82 -33.45
CA MET A 586 6.94 19.50 -32.82
C MET A 586 8.12 18.78 -33.44
N GLU A 587 9.31 19.00 -32.88
CA GLU A 587 10.54 18.34 -33.33
C GLU A 587 10.52 16.84 -32.98
N GLU A 588 10.69 15.99 -33.99
CA GLU A 588 10.92 14.57 -33.71
C GLU A 588 12.24 14.37 -32.98
N ILE A 589 12.27 13.34 -32.12
CA ILE A 589 13.49 12.93 -31.41
C ILE A 589 13.54 11.42 -31.46
N ASP A 590 14.69 10.85 -31.87
CA ASP A 590 14.81 9.40 -32.06
C ASP A 590 13.76 8.87 -33.03
N GLY A 591 13.34 9.69 -33.99
CA GLY A 591 12.32 9.26 -34.94
C GLY A 591 10.90 9.27 -34.42
N PHE A 592 10.65 9.81 -33.23
CA PHE A 592 9.33 9.80 -32.60
C PHE A 592 8.78 11.22 -32.47
N THR A 593 7.50 11.40 -32.80
CA THR A 593 6.85 12.68 -32.51
C THR A 593 6.77 12.89 -31.00
N PRO A 594 6.69 14.15 -30.54
CA PRO A 594 6.47 14.37 -29.11
C PRO A 594 5.27 13.61 -28.55
N ASP A 595 4.17 13.53 -29.31
CA ASP A 595 3.02 12.78 -28.84
C ASP A 595 3.38 11.31 -28.60
N GLN A 596 4.14 10.71 -29.51
CA GLN A 596 4.56 9.32 -29.33
C GLN A 596 5.50 9.18 -28.13
N ARG A 597 6.36 10.17 -27.90
CA ARG A 597 7.29 10.10 -26.78
C ARG A 597 6.59 10.21 -25.43
N PHE A 598 5.47 10.95 -25.39
CA PHE A 598 4.63 10.95 -24.19
C PHE A 598 4.18 9.54 -23.86
N PHE A 599 3.65 8.82 -24.84
CA PHE A 599 3.12 7.50 -24.56
C PHE A 599 4.23 6.49 -24.31
N ILE A 600 5.35 6.60 -25.03
CA ILE A 600 6.47 5.69 -24.79
C ILE A 600 7.02 5.91 -23.38
N GLY A 601 7.19 7.17 -22.99
CA GLY A 601 7.65 7.48 -21.64
C GLY A 601 6.73 6.92 -20.56
N TYR A 602 5.41 6.97 -20.80
CA TYR A 602 4.47 6.36 -19.87
C TYR A 602 4.68 4.85 -19.82
N ALA A 603 4.75 4.21 -20.98
CA ALA A 603 4.81 2.75 -21.01
C ALA A 603 6.12 2.23 -20.41
N ARG A 604 7.19 3.02 -20.50
CA ARG A 604 8.47 2.64 -19.93
C ARG A 604 8.44 2.61 -18.40
N LEU A 605 7.50 3.29 -17.77
CA LEU A 605 7.37 3.17 -16.31
C LEU A 605 6.97 1.76 -15.90
N TRP A 606 6.29 1.01 -16.76
CA TRP A 606 5.59 -0.18 -16.33
C TRP A 606 6.21 -1.49 -16.78
N GLY A 607 7.24 -1.46 -17.63
CA GLY A 607 7.85 -2.71 -18.06
C GLY A 607 8.37 -3.51 -16.89
N GLN A 608 8.04 -4.79 -16.82
CA GLN A 608 8.47 -5.61 -15.69
C GLN A 608 8.43 -7.06 -16.11
N ASN A 609 9.25 -7.88 -15.47
CA ASN A 609 9.02 -9.32 -15.45
C ASN A 609 8.34 -9.68 -14.13
N ILE A 610 7.52 -10.72 -14.16
CA ILE A 610 6.76 -11.10 -12.97
C ILE A 610 6.54 -12.60 -12.99
N ARG A 611 6.70 -13.25 -11.84
CA ARG A 611 6.47 -14.68 -11.75
C ARG A 611 4.99 -15.02 -11.86
N PRO A 612 4.64 -16.17 -12.45
CA PRO A 612 3.24 -16.61 -12.47
C PRO A 612 2.58 -16.63 -11.08
N GLU A 613 3.28 -17.09 -10.03
CA GLU A 613 2.68 -17.07 -8.70
C GLU A 613 2.34 -15.63 -8.27
N GLU A 614 3.20 -14.69 -8.62
CA GLU A 614 3.02 -13.31 -8.21
C GLU A 614 1.90 -12.65 -9.01
N VAL A 615 1.71 -13.02 -10.28
CA VAL A 615 0.50 -12.60 -11.00
C VAL A 615 -0.75 -12.98 -10.21
N LEU A 616 -0.81 -14.23 -9.71
CA LEU A 616 -1.98 -14.69 -8.96
C LEU A 616 -2.13 -13.96 -7.63
N ARG A 617 -1.02 -13.76 -6.92
CA ARG A 617 -1.10 -13.12 -5.63
C ARG A 617 -1.54 -11.65 -5.76
N LEU A 618 -0.96 -10.92 -6.71
CA LEU A 618 -1.34 -9.50 -6.84
C LEU A 618 -2.78 -9.36 -7.32
N THR A 619 -3.28 -10.31 -8.14
CA THR A 619 -4.68 -10.27 -8.52
C THR A 619 -5.59 -10.41 -7.28
N GLN A 620 -5.13 -11.15 -6.27
CA GLN A 620 -5.93 -11.30 -5.04
C GLN A 620 -5.77 -10.14 -4.08
N ILE A 621 -4.62 -9.46 -4.02
CA ILE A 621 -4.39 -8.51 -2.93
C ILE A 621 -4.11 -7.08 -3.39
N ASP A 622 -3.80 -6.83 -4.66
CA ASP A 622 -3.33 -5.52 -5.09
C ASP A 622 -4.49 -4.78 -5.78
N VAL A 623 -4.79 -3.57 -5.29
CA VAL A 623 -5.74 -2.68 -5.97
C VAL A 623 -5.18 -2.08 -7.27
N HIS A 624 -3.88 -2.15 -7.51
CA HIS A 624 -3.31 -1.72 -8.78
C HIS A 624 -3.36 -2.85 -9.81
N SER A 625 -3.66 -2.52 -11.05
CA SER A 625 -3.56 -3.51 -12.12
C SER A 625 -2.10 -3.89 -12.35
N LEU A 626 -1.89 -5.04 -12.99
CA LEU A 626 -0.52 -5.41 -13.42
C LEU A 626 0.00 -4.38 -14.41
N GLY A 627 1.32 -4.15 -14.37
CA GLY A 627 1.95 -3.20 -15.28
C GLY A 627 1.57 -3.42 -16.73
N GLU A 628 1.51 -4.67 -17.17
CA GLU A 628 1.13 -4.93 -18.56
C GLU A 628 -0.28 -4.40 -18.87
N LEU A 629 -1.22 -4.49 -17.92
CA LEU A 629 -2.55 -3.96 -18.20
C LEU A 629 -2.63 -2.45 -18.03
N ARG A 630 -1.81 -1.87 -17.14
CA ARG A 630 -1.78 -0.41 -17.02
C ARG A 630 -1.29 0.27 -18.29
N VAL A 631 -0.66 -0.48 -19.20
CA VAL A 631 -0.29 0.01 -20.53
C VAL A 631 -1.28 -0.52 -21.56
N ASN A 632 -1.35 -1.84 -21.73
CA ASN A 632 -2.06 -2.39 -22.89
C ASN A 632 -3.58 -2.27 -22.76
N GLN A 633 -4.13 -2.22 -21.54
CA GLN A 633 -5.57 -2.03 -21.41
C GLN A 633 -5.93 -0.56 -21.20
N ALA A 634 -5.26 0.14 -20.26
CA ALA A 634 -5.58 1.54 -19.99
C ALA A 634 -5.53 2.41 -21.25
N LEU A 635 -4.57 2.17 -22.13
CA LEU A 635 -4.44 3.06 -23.30
C LEU A 635 -5.55 2.85 -24.34
N ARG A 636 -6.30 1.77 -24.26
CA ARG A 636 -7.36 1.52 -25.24
C ARG A 636 -8.53 2.49 -25.08
N ASN A 637 -8.57 3.28 -24.01
CA ASN A 637 -9.57 4.31 -23.81
C ASN A 637 -9.04 5.72 -24.09
N ILE A 638 -7.81 5.84 -24.57
CA ILE A 638 -7.16 7.14 -24.72
C ILE A 638 -7.15 7.48 -26.21
N GLU A 639 -8.07 8.37 -26.63
CA GLU A 639 -8.19 8.69 -28.05
C GLU A 639 -6.89 9.24 -28.61
N ALA A 640 -6.18 10.06 -27.83
CA ALA A 640 -4.91 10.62 -28.29
C ALA A 640 -3.87 9.53 -28.58
N PHE A 641 -3.99 8.36 -27.93
CA PHE A 641 -3.07 7.28 -28.23
C PHE A 641 -3.37 6.66 -29.59
N TYR A 642 -4.66 6.46 -29.90
CA TYR A 642 -5.03 5.95 -31.22
C TYR A 642 -4.46 6.85 -32.31
N GLU A 643 -4.54 8.16 -32.12
CA GLU A 643 -4.00 9.10 -33.09
C GLU A 643 -2.49 9.00 -33.17
N ALA A 644 -1.80 8.97 -32.02
CA ALA A 644 -0.34 9.04 -32.05
C ALA A 644 0.27 7.87 -32.82
N PHE A 645 -0.36 6.70 -32.79
CA PHE A 645 0.18 5.52 -33.45
C PHE A 645 -0.73 4.97 -34.55
N ASN A 646 -1.69 5.78 -35.01
CA ASN A 646 -2.57 5.46 -36.14
C ASN A 646 -3.17 4.05 -36.01
N ILE A 647 -3.86 3.83 -34.89
CA ILE A 647 -4.39 2.51 -34.57
C ILE A 647 -5.68 2.26 -35.34
N GLN A 648 -5.75 1.14 -36.04
CA GLN A 648 -6.84 0.80 -36.94
C GLN A 648 -7.64 -0.36 -36.38
N PRO A 649 -8.86 -0.59 -36.90
CA PRO A 649 -9.70 -1.66 -36.35
C PRO A 649 -9.09 -3.05 -36.42
N THR A 650 -8.10 -3.28 -37.28
CA THR A 650 -7.46 -4.60 -37.36
C THR A 650 -6.25 -4.74 -36.43
N ASP A 651 -5.84 -3.67 -35.74
CA ASP A 651 -4.75 -3.76 -34.80
C ASP A 651 -5.22 -4.36 -33.48
N LYS A 652 -4.33 -5.11 -32.83
CA LYS A 652 -4.73 -5.81 -31.62
C LYS A 652 -5.03 -4.84 -30.46
N MET A 653 -4.38 -3.68 -30.42
CA MET A 653 -4.67 -2.70 -29.35
C MET A 653 -6.06 -2.10 -29.48
N TYR A 654 -6.61 -2.07 -30.70
CA TYR A 654 -7.86 -1.40 -30.97
C TYR A 654 -9.00 -1.96 -30.12
N LEU A 655 -9.78 -1.06 -29.54
CA LEU A 655 -11.04 -1.40 -28.88
C LEU A 655 -12.16 -0.67 -29.60
N GLU A 656 -13.28 -1.35 -29.81
CA GLU A 656 -14.36 -0.73 -30.55
C GLU A 656 -14.86 0.52 -29.80
N PRO A 657 -15.14 1.61 -30.52
CA PRO A 657 -15.47 2.88 -29.85
C PRO A 657 -16.57 2.76 -28.81
N GLU A 658 -17.61 1.97 -29.09
CA GLU A 658 -18.71 1.82 -28.14
C GLU A 658 -18.27 1.13 -26.86
N LYS A 659 -17.18 0.35 -26.90
CA LYS A 659 -16.71 -0.32 -25.69
C LYS A 659 -15.71 0.52 -24.89
N ARG A 660 -15.16 1.58 -25.48
CA ARG A 660 -14.28 2.48 -24.75
C ARG A 660 -15.05 3.25 -23.68
N VAL A 661 -14.36 3.58 -22.58
CA VAL A 661 -15.01 4.33 -21.50
C VAL A 661 -14.04 5.36 -20.96
N VAL A 662 -14.50 6.60 -20.87
CA VAL A 662 -13.73 7.72 -20.34
C VAL A 662 -14.51 8.27 -19.15
N VAL A 663 -13.91 8.20 -17.96
CA VAL A 663 -14.65 8.55 -16.75
C VAL A 663 -14.65 10.06 -16.54
N TRP A 664 -13.47 10.69 -16.65
CA TRP A 664 -13.29 12.11 -16.37
C TRP A 664 -12.71 12.84 -17.60
#